data_6HC3
#
_entry.id   6HC3
#
_cell.length_a   164.790
_cell.length_b   145.136
_cell.length_c   108.119
_cell.angle_alpha   90.00
_cell.angle_beta   130.83
_cell.angle_gamma   90.00
#
_symmetry.space_group_name_H-M   'C 1 2 1'
#
loop_
_entity.id
_entity.type
_entity.pdbx_description
1 polymer 'Transcription factor A, mitochondrial'
2 polymer "DNA/RNA (5'-D(*TP*AP*AP*CP*AP*AP*AP*AP*AP*AP*TP*TP*TP*CP*CP*AP*CP*CP*AP*AP*AP*C)-3')"
3 polymer "DNA (5'-D(*TP*TP*TP*GP*GP*TP*GP*GP*AP*AP*AP*TP*TP*TP*TP*TP*TP*GP*TP*TP*AP*G)-3')"
4 non-polymer 'L(+)-TARTARIC ACID'
5 non-polymer 'PENTAETHYLENE GLYCOL'
6 water water
#
loop_
_entity_poly.entity_id
_entity_poly.type
_entity_poly.pdbx_seq_one_letter_code
_entity_poly.pdbx_strand_id
1 'polypeptide(L)'
;MGSSFVYLPRWFSSVLASCPKKPVSSYLRFSKEQLPIFKAQNPDAKTTELIRRIAQRWRELPDSKKKIYQDAYRAEWQVY
KEEISRFKEQLTPSQIMSLEKEIMDKHLKRKAMTKKKELTLLGKPKRPRSAYNVYVAERFQEAKGDSPQEKLKTVKENWK
NLSDSEKELYIQHAKEDETRYHNEMKSWEEQMIEVGRKDLLRRTIKKQRKYGAEECLQHHHHHH
;
A,D,G,J
2 'polydeoxyribonucleotide'
;(DT)(DA)(DA)(DC)(DA)(DA)(DA)(DA)(DA)(DA)(DT)(DT)(DT)(DC)(DC)(DA)(DC)(DC)(DA)(DA)
(DA)(DC)
;
B,E,H,K
3 'polydeoxyribonucleotide'
;(DT)(DT)(DT)(DG)(DG)(DT)(DG)(DG)(DA)(DA)(DA)(DT)(DT)(DT)(DT)(DT)(DT)(DG)(DT)(DT)
(DA)(DG)
;
C,F,I,L
#
loop_
_chem_comp.id
_chem_comp.type
_chem_comp.name
_chem_comp.formula
1PE non-polymer 'PENTAETHYLENE GLYCOL' 'C10 H22 O6'
DA DNA linking 2'-DEOXYADENOSINE-5'-MONOPHOSPHATE 'C10 H14 N5 O6 P'
DC DNA linking 2'-DEOXYCYTIDINE-5'-MONOPHOSPHATE 'C9 H14 N3 O7 P'
DG DNA linking 2'-DEOXYGUANOSINE-5'-MONOPHOSPHATE 'C10 H14 N5 O7 P'
DT DNA linking THYMIDINE-5'-MONOPHOSPHATE 'C10 H15 N2 O8 P'
TLA non-polymer 'L(+)-TARTARIC ACID' 'C4 H6 O6'
#
# COMPACT_ATOMS: atom_id res chain seq x y z
N SER A 13 21.35 0.44 -9.70
CA SER A 13 21.68 1.84 -9.38
C SER A 13 22.13 2.04 -7.88
N SER A 14 21.12 2.18 -6.96
CA SER A 14 21.17 2.42 -5.52
C SER A 14 20.69 1.21 -4.79
N VAL A 15 21.60 0.67 -3.95
CA VAL A 15 21.40 -0.50 -3.07
C VAL A 15 20.23 -0.20 -2.13
N LEU A 16 20.24 1.02 -1.60
CA LEU A 16 19.26 1.57 -0.67
C LEU A 16 17.85 1.56 -1.20
N ALA A 17 17.66 1.80 -2.50
CA ALA A 17 16.34 1.78 -3.11
C ALA A 17 15.66 0.38 -3.01
N SER A 18 16.42 -0.69 -3.23
CA SER A 18 15.90 -2.06 -3.22
C SER A 18 15.93 -2.67 -1.80
N CYS A 19 16.60 -1.97 -0.86
CA CYS A 19 16.64 -2.39 0.55
C CYS A 19 15.21 -2.42 1.16
N PRO A 20 14.78 -3.54 1.79
CA PRO A 20 13.40 -3.55 2.34
C PRO A 20 13.22 -2.49 3.45
N LYS A 21 12.02 -1.89 3.44
CA LYS A 21 11.67 -0.82 4.40
C LYS A 21 10.96 -1.40 5.62
N LYS A 22 11.08 -0.69 6.73
CA LYS A 22 10.46 -1.07 7.98
C LYS A 22 8.91 -1.14 7.89
N PRO A 23 8.31 -2.14 8.60
CA PRO A 23 6.84 -2.18 8.67
C PRO A 23 6.35 -1.04 9.52
N VAL A 24 5.13 -0.59 9.25
CA VAL A 24 4.60 0.51 10.04
C VAL A 24 4.11 -0.01 11.40
N SER A 25 4.48 0.74 12.47
CA SER A 25 4.05 0.57 13.86
C SER A 25 2.63 1.11 13.97
N SER A 26 1.98 0.80 15.12
CA SER A 26 0.56 1.02 15.49
C SER A 26 -0.07 2.33 15.00
N TYR A 27 0.43 3.49 15.45
CA TYR A 27 -0.19 4.74 15.03
C TYR A 27 -0.12 4.92 13.50
N LEU A 28 1.08 4.81 12.84
CA LEU A 28 1.06 4.97 11.37
C LEU A 28 0.13 3.92 10.70
N ARG A 29 0.14 2.71 11.24
CA ARG A 29 -0.74 1.67 10.71
C ARG A 29 -2.24 2.11 10.80
N PHE A 30 -2.60 2.83 11.88
CA PHE A 30 -3.90 3.42 12.12
C PHE A 30 -4.10 4.62 11.17
N SER A 31 -3.18 5.56 11.20
CA SER A 31 -3.22 6.74 10.35
C SER A 31 -3.43 6.39 8.89
N LYS A 32 -2.71 5.41 8.37
CA LYS A 32 -2.81 5.00 6.97
C LYS A 32 -4.23 4.45 6.65
N GLU A 33 -4.80 3.69 7.57
CA GLU A 33 -6.12 3.06 7.46
C GLU A 33 -7.30 4.07 7.55
N GLN A 34 -7.09 5.18 8.30
CA GLN A 34 -8.08 6.18 8.65
C GLN A 34 -8.13 7.33 7.69
N LEU A 35 -6.97 7.77 7.19
CA LEU A 35 -6.85 8.92 6.31
C LEU A 35 -7.91 8.87 5.19
N PRO A 36 -8.09 7.76 4.41
CA PRO A 36 -9.15 7.73 3.40
C PRO A 36 -10.55 7.97 3.98
N ILE A 37 -10.89 7.27 5.07
CA ILE A 37 -12.15 7.39 5.77
C ILE A 37 -12.40 8.85 6.21
N PHE A 38 -11.39 9.55 6.71
CA PHE A 38 -11.58 10.93 7.12
C PHE A 38 -11.66 11.88 5.93
N LYS A 39 -10.81 11.64 4.88
CA LYS A 39 -10.75 12.46 3.68
C LYS A 39 -12.11 12.42 2.96
N ALA A 40 -12.74 11.22 2.89
CA ALA A 40 -14.06 11.09 2.27
C ALA A 40 -15.08 11.95 2.99
N GLN A 41 -15.09 11.92 4.34
CA GLN A 41 -16.05 12.63 5.16
C GLN A 41 -15.76 14.13 5.30
N ASN A 42 -14.59 14.60 4.83
CA ASN A 42 -14.23 16.03 4.88
C ASN A 42 -13.34 16.36 3.66
N PRO A 43 -13.88 16.39 2.40
CA PRO A 43 -12.98 16.54 1.25
C PRO A 43 -12.40 17.94 1.07
N ASP A 44 -12.95 18.94 1.78
CA ASP A 44 -12.45 20.30 1.68
C ASP A 44 -11.42 20.61 2.78
N ALA A 45 -11.26 19.69 3.74
CA ALA A 45 -10.28 19.79 4.82
C ALA A 45 -8.89 19.52 4.31
N LYS A 46 -7.90 20.20 4.92
CA LYS A 46 -6.49 20.03 4.61
C LYS A 46 -6.04 18.69 5.21
N THR A 47 -5.10 17.98 4.54
CA THR A 47 -4.53 16.72 5.03
C THR A 47 -4.07 16.92 6.49
N THR A 48 -3.33 18.02 6.74
CA THR A 48 -2.77 18.41 8.02
C THR A 48 -3.83 18.38 9.14
N GLU A 49 -5.07 18.87 8.89
CA GLU A 49 -6.05 18.89 9.95
C GLU A 49 -6.59 17.50 10.17
N LEU A 50 -6.79 16.73 9.08
CA LEU A 50 -7.23 15.35 9.19
C LEU A 50 -6.25 14.50 10.03
N ILE A 51 -4.93 14.74 9.84
CA ILE A 51 -3.88 14.05 10.60
C ILE A 51 -3.97 14.44 12.06
N ARG A 52 -4.20 15.73 12.38
CA ARG A 52 -4.36 16.18 13.77
C ARG A 52 -5.55 15.43 14.43
N ARG A 53 -6.67 15.28 13.68
CA ARG A 53 -7.88 14.60 14.12
C ARG A 53 -7.65 13.10 14.26
N ILE A 54 -6.90 12.50 13.28
CA ILE A 54 -6.64 11.07 13.32
C ILE A 54 -5.83 10.73 14.58
N ALA A 55 -4.79 11.56 14.90
CA ALA A 55 -3.95 11.41 16.09
C ALA A 55 -4.80 11.51 17.36
N GLN A 56 -5.75 12.47 17.38
CA GLN A 56 -6.68 12.70 18.49
C GLN A 56 -7.41 11.41 18.78
N ARG A 57 -8.04 10.83 17.74
CA ARG A 57 -8.82 9.60 17.82
C ARG A 57 -7.91 8.43 18.25
N TRP A 58 -6.58 8.48 17.90
CA TRP A 58 -5.59 7.50 18.32
C TRP A 58 -5.41 7.58 19.83
N ARG A 59 -5.05 8.77 20.33
CA ARG A 59 -4.87 9.07 21.75
C ARG A 59 -6.06 8.59 22.56
N GLU A 60 -7.32 8.83 22.07
CA GLU A 60 -8.62 8.45 22.70
C GLU A 60 -8.95 6.94 22.65
N LEU A 61 -8.30 6.22 21.76
CA LEU A 61 -8.57 4.81 21.53
C LEU A 61 -8.12 3.92 22.76
N PRO A 62 -8.89 2.90 23.17
CA PRO A 62 -8.44 2.03 24.28
C PRO A 62 -7.18 1.25 23.97
N ASP A 63 -6.41 0.97 25.01
CA ASP A 63 -5.16 0.22 24.92
C ASP A 63 -5.37 -1.10 24.27
N SER A 64 -6.50 -1.78 24.57
CA SER A 64 -6.84 -3.09 24.01
C SER A 64 -6.97 -3.00 22.50
N LYS A 65 -7.50 -1.84 22.01
CA LYS A 65 -7.66 -1.62 20.57
C LYS A 65 -6.33 -1.28 19.97
N LYS A 66 -5.58 -0.35 20.59
CA LYS A 66 -4.21 -0.03 20.16
C LYS A 66 -3.37 -1.32 19.98
N LYS A 67 -3.37 -2.23 20.98
CA LYS A 67 -2.61 -3.48 20.94
C LYS A 67 -2.84 -4.28 19.64
N ILE A 68 -4.08 -4.24 19.07
CA ILE A 68 -4.32 -4.99 17.82
C ILE A 68 -3.39 -4.45 16.73
N TYR A 69 -3.27 -3.13 16.59
CA TYR A 69 -2.34 -2.58 15.61
C TYR A 69 -0.91 -3.02 15.92
N GLN A 70 -0.53 -2.98 17.22
CA GLN A 70 0.81 -3.33 17.68
C GLN A 70 1.15 -4.79 17.34
N ASP A 71 0.20 -5.67 17.62
CA ASP A 71 0.37 -7.09 17.38
C ASP A 71 0.64 -7.32 15.91
N ALA A 72 -0.02 -6.55 15.05
CA ALA A 72 0.18 -6.68 13.64
C ALA A 72 1.57 -6.22 13.24
N TYR A 73 2.08 -5.13 13.86
CA TYR A 73 3.40 -4.57 13.62
C TYR A 73 4.43 -5.56 14.02
N ARG A 74 4.25 -6.16 15.20
CA ARG A 74 5.22 -7.12 15.72
C ARG A 74 5.33 -8.27 14.78
N ALA A 75 4.22 -8.84 14.29
CA ALA A 75 4.22 -9.91 13.34
C ALA A 75 4.90 -9.50 12.04
N GLU A 76 4.61 -8.31 11.55
CA GLU A 76 5.27 -7.86 10.32
C GLU A 76 6.76 -7.63 10.52
N TRP A 77 7.20 -7.26 11.73
CA TRP A 77 8.62 -7.11 12.03
C TRP A 77 9.35 -8.41 11.73
N GLN A 78 8.71 -9.56 12.09
CA GLN A 78 9.36 -10.84 11.87
C GLN A 78 9.54 -11.16 10.37
N VAL A 79 8.62 -10.66 9.53
CA VAL A 79 8.72 -10.81 8.08
C VAL A 79 9.85 -9.92 7.64
N TYR A 80 9.93 -8.68 8.21
CA TYR A 80 10.95 -7.69 7.85
C TYR A 80 12.33 -8.29 8.11
N LYS A 81 12.53 -8.77 9.38
CA LYS A 81 13.77 -9.43 9.80
C LYS A 81 14.23 -10.36 8.73
N GLU A 82 13.31 -11.24 8.35
CA GLU A 82 13.55 -12.31 7.39
C GLU A 82 13.95 -11.78 6.05
N GLU A 83 13.26 -10.74 5.56
CA GLU A 83 13.51 -10.18 4.24
C GLU A 83 14.81 -9.48 4.17
N ILE A 84 15.07 -8.57 5.12
CA ILE A 84 16.29 -7.77 5.24
C ILE A 84 17.49 -8.68 5.39
N SER A 85 17.41 -9.71 6.28
CA SER A 85 18.43 -10.70 6.47
C SER A 85 18.81 -11.32 5.13
N ARG A 86 17.77 -11.85 4.42
CA ARG A 86 17.90 -12.48 3.13
C ARG A 86 18.52 -11.53 2.09
N PHE A 87 18.15 -10.25 2.16
CA PHE A 87 18.65 -9.23 1.27
C PHE A 87 20.16 -9.03 1.40
N LYS A 88 20.61 -8.69 2.62
CA LYS A 88 21.99 -8.39 3.01
C LYS A 88 22.89 -9.59 2.81
N GLU A 89 22.34 -10.81 2.99
CA GLU A 89 23.12 -12.01 2.79
C GLU A 89 23.49 -12.19 1.30
N GLN A 90 22.61 -11.79 0.40
CA GLN A 90 22.74 -11.87 -1.03
C GLN A 90 23.66 -10.80 -1.61
N LEU A 91 23.98 -9.75 -0.84
CA LEU A 91 24.84 -8.65 -1.29
C LEU A 91 26.35 -8.93 -1.16
N THR A 92 27.13 -8.42 -2.12
CA THR A 92 28.58 -8.52 -2.18
C THR A 92 29.16 -7.48 -1.28
N PRO A 93 30.42 -7.64 -0.81
CA PRO A 93 31.00 -6.64 0.09
C PRO A 93 30.92 -5.20 -0.43
N SER A 94 31.26 -5.03 -1.72
CA SER A 94 31.25 -3.74 -2.37
C SER A 94 29.87 -3.10 -2.40
N GLN A 95 28.80 -3.92 -2.37
CA GLN A 95 27.43 -3.47 -2.42
C GLN A 95 27.02 -3.01 -1.06
N ILE A 96 27.52 -3.72 -0.02
CA ILE A 96 27.28 -3.40 1.39
C ILE A 96 27.94 -2.02 1.65
N MET A 97 29.17 -1.84 1.19
CA MET A 97 29.83 -0.58 1.36
C MET A 97 29.08 0.57 0.67
N SER A 98 28.52 0.38 -0.53
CA SER A 98 27.78 1.47 -1.16
C SER A 98 26.59 1.78 -0.33
N LEU A 99 26.00 0.71 0.30
CA LEU A 99 24.82 0.89 1.13
C LEU A 99 25.18 1.72 2.35
N GLU A 100 26.21 1.36 3.07
CA GLU A 100 26.71 2.14 4.21
C GLU A 100 27.04 3.61 3.79
N LYS A 101 27.74 3.81 2.67
CA LYS A 101 28.06 5.14 2.17
C LYS A 101 26.78 5.89 1.79
N GLU A 102 25.82 5.20 1.16
CA GLU A 102 24.58 5.88 0.78
C GLU A 102 23.88 6.46 1.99
N ILE A 103 23.93 5.73 3.13
CA ILE A 103 23.32 6.12 4.38
C ILE A 103 24.08 7.32 4.96
N MET A 104 25.42 7.24 5.05
CA MET A 104 26.24 8.34 5.52
C MET A 104 25.93 9.62 4.73
N ASP A 105 25.82 9.51 3.40
CA ASP A 105 25.54 10.66 2.56
C ASP A 105 24.18 11.23 2.93
N LYS A 106 23.18 10.36 3.15
CA LYS A 106 21.81 10.74 3.53
C LYS A 106 21.81 11.64 4.74
N HIS A 107 22.59 11.26 5.77
CA HIS A 107 22.76 11.99 7.03
C HIS A 107 23.44 13.33 6.81
N LEU A 108 24.66 13.34 6.26
CA LEU A 108 25.35 14.58 5.96
C LEU A 108 24.42 15.58 5.30
N LYS A 109 23.79 15.20 4.20
CA LYS A 109 22.86 16.06 3.45
C LYS A 109 21.78 16.65 4.33
N ARG A 110 21.29 15.88 5.28
CA ARG A 110 20.25 16.37 6.18
C ARG A 110 20.85 17.36 7.20
N LYS A 111 21.95 16.98 7.85
CA LYS A 111 22.65 17.80 8.84
C LYS A 111 22.97 19.17 8.22
N ALA A 112 23.47 19.13 6.96
CA ALA A 112 23.87 20.26 6.17
C ALA A 112 22.69 21.17 5.84
N MET A 113 21.54 20.64 5.42
CA MET A 113 20.41 21.53 5.10
C MET A 113 19.77 22.14 6.36
N THR A 114 19.92 21.50 7.53
CA THR A 114 19.23 22.05 8.69
C THR A 114 20.08 23.20 9.19
N LYS A 115 21.41 23.00 9.30
CA LYS A 115 22.30 24.10 9.64
C LYS A 115 21.98 25.32 8.72
N LYS A 116 21.86 25.09 7.39
CA LYS A 116 21.53 26.18 6.48
C LYS A 116 20.21 26.87 6.88
N LYS A 117 19.18 26.08 7.18
CA LYS A 117 17.90 26.62 7.61
C LYS A 117 18.06 27.41 8.89
N GLU A 118 18.91 26.90 9.81
CA GLU A 118 19.11 27.54 11.10
C GLU A 118 19.64 28.92 10.91
N LEU A 119 20.70 29.03 10.08
CA LEU A 119 21.38 30.28 9.82
C LEU A 119 20.41 31.27 9.22
N THR A 120 19.54 30.83 8.32
CA THR A 120 18.55 31.70 7.73
C THR A 120 17.63 32.21 8.81
N LEU A 121 17.15 31.31 9.66
CA LEU A 121 16.30 31.71 10.77
C LEU A 121 17.02 32.77 11.64
N LEU A 122 18.34 32.65 11.86
CA LEU A 122 19.06 33.63 12.67
C LEU A 122 19.46 34.87 11.85
N GLY A 123 18.93 34.98 10.62
CA GLY A 123 19.16 36.10 9.70
C GLY A 123 20.61 36.47 9.49
N LYS A 124 21.40 35.50 9.02
CA LYS A 124 22.82 35.73 8.79
C LYS A 124 23.05 36.55 7.49
N PRO A 125 23.88 37.59 7.53
CA PRO A 125 24.13 38.36 6.30
C PRO A 125 24.45 37.53 5.07
N LYS A 126 24.04 38.05 3.88
CA LYS A 126 24.36 37.43 2.58
C LYS A 126 25.79 37.75 2.22
N ARG A 127 26.45 36.90 1.45
CA ARG A 127 27.85 37.17 1.07
C ARG A 127 28.05 38.51 0.24
N PRO A 128 29.24 39.13 0.23
CA PRO A 128 29.41 40.31 -0.61
C PRO A 128 29.30 39.91 -2.06
N ARG A 129 28.67 40.80 -2.83
CA ARG A 129 28.38 40.67 -4.26
C ARG A 129 29.64 41.05 -5.00
N SER A 130 30.00 40.24 -6.00
CA SER A 130 31.16 40.51 -6.83
C SER A 130 30.79 41.49 -7.89
N ALA A 131 31.80 42.16 -8.55
CA ALA A 131 31.52 43.09 -9.66
C ALA A 131 30.66 42.38 -10.69
N TYR A 132 30.98 41.11 -10.94
CA TYR A 132 30.26 40.27 -11.87
C TYR A 132 28.83 40.07 -11.43
N ASN A 133 28.59 39.87 -10.12
CA ASN A 133 27.22 39.74 -9.62
C ASN A 133 26.43 41.02 -9.90
N VAL A 134 27.01 42.19 -9.55
CA VAL A 134 26.37 43.51 -9.71
C VAL A 134 25.95 43.69 -11.16
N TYR A 135 26.77 43.19 -12.07
CA TYR A 135 26.54 43.29 -13.50
C TYR A 135 25.36 42.39 -13.93
N VAL A 136 25.26 41.15 -13.44
CA VAL A 136 24.17 40.26 -13.76
C VAL A 136 22.85 40.85 -13.19
N ALA A 137 22.88 41.33 -11.96
CA ALA A 137 21.76 41.97 -11.27
C ALA A 137 21.19 43.21 -11.97
N GLU A 138 21.92 43.78 -12.94
CA GLU A 138 21.47 45.00 -13.62
C GLU A 138 21.35 44.83 -15.12
N ARG A 139 22.12 43.93 -15.72
CA ARG A 139 22.08 43.71 -17.16
C ARG A 139 21.17 42.53 -17.58
N PHE A 140 20.82 41.60 -16.65
CA PHE A 140 19.99 40.41 -16.97
C PHE A 140 18.62 40.74 -17.57
N GLN A 141 17.86 41.72 -17.02
CA GLN A 141 16.50 42.04 -17.47
C GLN A 141 16.42 42.28 -18.99
N GLU A 142 17.34 43.08 -19.52
CA GLU A 142 17.32 43.39 -20.92
C GLU A 142 18.26 42.52 -21.76
N ALA A 143 18.62 41.33 -21.28
CA ALA A 143 19.52 40.49 -22.06
C ALA A 143 18.81 39.74 -23.16
N LYS A 144 19.54 39.39 -24.23
CA LYS A 144 19.04 38.61 -25.35
C LYS A 144 19.00 37.13 -24.97
N GLY A 145 17.82 36.53 -25.13
CA GLY A 145 17.58 35.12 -24.83
C GLY A 145 16.18 34.84 -24.34
N ASP A 146 15.72 33.59 -24.54
CA ASP A 146 14.40 33.14 -24.13
C ASP A 146 14.44 32.60 -22.69
N SER A 147 15.16 31.47 -22.50
CA SER A 147 15.34 30.81 -21.20
C SER A 147 16.31 31.62 -20.31
N PRO A 148 16.17 31.59 -18.96
CA PRO A 148 17.12 32.33 -18.10
C PRO A 148 18.57 31.85 -18.29
N GLN A 149 18.80 30.60 -18.73
CA GLN A 149 20.15 30.08 -19.00
C GLN A 149 20.78 30.76 -20.22
N GLU A 150 19.99 30.95 -21.31
CA GLU A 150 20.45 31.60 -22.55
C GLU A 150 20.76 33.06 -22.27
N LYS A 151 19.90 33.71 -21.46
CA LYS A 151 20.00 35.11 -21.07
C LYS A 151 21.30 35.36 -20.29
N LEU A 152 21.68 34.40 -19.44
CA LEU A 152 22.91 34.49 -18.68
C LEU A 152 24.07 34.41 -19.65
N LYS A 153 23.98 33.57 -20.68
CA LYS A 153 25.02 33.42 -21.69
C LYS A 153 25.34 34.75 -22.32
N THR A 154 24.31 35.58 -22.65
CA THR A 154 24.59 36.90 -23.25
C THR A 154 25.24 37.82 -22.23
N VAL A 155 24.75 37.85 -20.96
CA VAL A 155 25.35 38.70 -19.90
C VAL A 155 26.80 38.24 -19.64
N LYS A 156 27.08 36.93 -19.72
CA LYS A 156 28.43 36.37 -19.60
C LYS A 156 29.25 36.89 -20.77
N GLU A 157 28.65 36.85 -21.98
CA GLU A 157 29.33 37.27 -23.20
C GLU A 157 29.73 38.74 -23.12
N ASN A 158 28.76 39.62 -22.81
CA ASN A 158 28.96 41.05 -22.63
C ASN A 158 29.96 41.35 -21.48
N TRP A 159 29.97 40.58 -20.38
CA TRP A 159 30.93 40.82 -19.31
C TRP A 159 32.36 40.52 -19.77
N LYS A 160 32.59 39.43 -20.54
CA LYS A 160 33.96 39.07 -20.91
C LYS A 160 34.55 40.03 -21.96
N ASN A 161 33.68 40.64 -22.79
CA ASN A 161 34.10 41.57 -23.81
C ASN A 161 33.94 43.04 -23.35
N LEU A 162 34.06 43.26 -22.04
CA LEU A 162 33.98 44.57 -21.39
C LEU A 162 35.40 45.01 -21.03
N SER A 163 35.74 46.31 -21.26
CA SER A 163 37.05 46.86 -20.93
C SER A 163 37.13 47.12 -19.44
N ASP A 164 38.36 47.31 -18.93
CA ASP A 164 38.63 47.57 -17.52
C ASP A 164 38.01 48.91 -17.09
N SER A 165 37.95 49.86 -18.04
CA SER A 165 37.33 51.18 -17.87
C SER A 165 35.85 51.01 -17.56
N GLU A 166 35.18 50.17 -18.34
CA GLU A 166 33.76 49.91 -18.25
C GLU A 166 33.39 49.13 -16.99
N LYS A 167 34.22 48.10 -16.62
CA LYS A 167 34.01 47.29 -15.39
C LYS A 167 34.03 48.15 -14.15
N GLU A 168 34.83 49.21 -14.18
CA GLU A 168 35.12 50.12 -13.09
C GLU A 168 33.92 50.50 -12.20
N LEU A 169 32.70 50.62 -12.80
CA LEU A 169 31.49 50.94 -12.03
C LEU A 169 31.08 49.80 -11.09
N TYR A 170 30.98 48.58 -11.67
CA TYR A 170 30.71 47.34 -10.97
C TYR A 170 31.80 47.08 -9.90
N ILE A 171 33.03 47.48 -10.19
CA ILE A 171 34.12 47.35 -9.25
C ILE A 171 33.78 48.18 -8.03
N GLN A 172 33.24 49.39 -8.19
CA GLN A 172 32.92 50.23 -7.03
C GLN A 172 31.69 49.74 -6.33
N HIS A 173 30.74 49.17 -7.06
CA HIS A 173 29.54 48.68 -6.42
C HIS A 173 29.84 47.46 -5.62
N ALA A 174 30.72 46.59 -6.14
CA ALA A 174 31.22 45.40 -5.45
C ALA A 174 32.10 45.78 -4.26
N LYS A 175 32.70 46.98 -4.28
CA LYS A 175 33.52 47.49 -3.20
C LYS A 175 32.66 47.99 -2.06
N GLU A 176 31.56 48.67 -2.39
CA GLU A 176 30.66 49.27 -1.40
C GLU A 176 29.94 48.16 -0.59
N ASP A 177 29.54 47.10 -1.29
CA ASP A 177 28.87 45.93 -0.73
C ASP A 177 29.82 45.11 0.12
N GLU A 178 31.12 45.13 -0.19
CA GLU A 178 32.14 44.45 0.61
C GLU A 178 32.24 45.14 1.99
N THR A 179 31.97 46.44 2.03
CA THR A 179 31.94 47.18 3.26
C THR A 179 30.65 46.83 4.01
N ARG A 180 29.51 46.77 3.26
CA ARG A 180 28.19 46.37 3.77
C ARG A 180 28.25 45.03 4.50
N TYR A 181 28.82 44.02 3.84
CA TYR A 181 29.03 42.68 4.37
C TYR A 181 29.82 42.77 5.64
N HIS A 182 30.99 43.43 5.60
CA HIS A 182 31.85 43.59 6.76
C HIS A 182 31.06 44.14 7.96
N ASN A 183 30.25 45.19 7.71
CA ASN A 183 29.42 45.85 8.71
C ASN A 183 28.31 44.95 9.24
N GLU A 184 27.47 44.38 8.32
CA GLU A 184 26.39 43.46 8.69
C GLU A 184 26.92 42.27 9.51
N MET A 185 28.08 41.71 9.09
CA MET A 185 28.74 40.61 9.81
C MET A 185 29.23 40.99 11.19
N LYS A 186 29.77 42.21 11.36
CA LYS A 186 30.27 42.67 12.65
C LYS A 186 29.11 42.64 13.67
N SER A 187 27.94 43.21 13.28
CA SER A 187 26.71 43.30 14.09
C SER A 187 26.13 41.92 14.40
N TRP A 188 25.97 41.11 13.35
CA TRP A 188 25.37 39.78 13.47
C TRP A 188 26.22 38.87 14.38
N GLU A 189 27.57 38.82 14.18
CA GLU A 189 28.50 38.02 14.99
C GLU A 189 28.50 38.51 16.45
N GLU A 190 28.27 39.81 16.66
CA GLU A 190 28.18 40.41 17.98
C GLU A 190 26.93 39.86 18.70
N GLN A 191 25.78 39.97 18.00
CA GLN A 191 24.45 39.55 18.42
C GLN A 191 24.42 38.02 18.69
N MET A 192 25.22 37.27 17.92
CA MET A 192 25.36 35.82 18.05
C MET A 192 26.15 35.42 19.35
N ILE A 193 26.95 36.34 19.93
CA ILE A 193 27.70 36.10 21.19
C ILE A 193 26.72 36.37 22.37
N GLU A 194 25.98 37.51 22.27
CA GLU A 194 24.96 37.95 23.21
C GLU A 194 23.86 36.89 23.44
N VAL A 195 23.60 36.04 22.44
CA VAL A 195 22.63 34.94 22.51
C VAL A 195 23.34 33.59 22.81
N GLY A 196 24.67 33.59 22.85
CA GLY A 196 25.47 32.41 23.17
C GLY A 196 25.62 31.43 22.04
N ARG A 197 26.00 31.93 20.87
CA ARG A 197 26.19 31.18 19.66
C ARG A 197 27.51 31.58 19.00
N LYS A 198 28.60 31.54 19.80
CA LYS A 198 29.95 31.86 19.32
C LYS A 198 30.52 30.72 18.41
N ASP A 199 29.80 29.57 18.30
CA ASP A 199 30.10 28.47 17.38
C ASP A 199 29.95 29.02 15.97
N LEU A 200 28.90 29.89 15.79
CA LEU A 200 28.50 30.52 14.52
C LEU A 200 29.54 31.53 13.97
N LEU A 201 30.60 31.80 14.75
CA LEU A 201 31.60 32.79 14.39
C LEU A 201 32.69 32.27 13.48
N ARG A 202 33.29 33.18 12.72
CA ARG A 202 34.35 32.85 11.79
C ARG A 202 35.59 32.66 12.53
N ARG A 203 36.45 31.79 12.03
CA ARG A 203 37.76 31.55 12.62
C ARG A 203 38.71 32.65 12.08
N THR A 204 38.74 32.78 10.75
CA THR A 204 39.58 33.72 10.00
C THR A 204 38.90 35.11 9.84
N SER D 13 43.15 -2.54 8.27
CA SER D 13 44.15 -1.87 7.41
C SER D 13 43.51 -0.60 6.75
N SER D 14 44.09 0.59 7.07
CA SER D 14 43.62 1.92 6.66
C SER D 14 44.11 2.39 5.29
N VAL D 15 43.15 2.52 4.33
CA VAL D 15 43.40 3.07 2.99
C VAL D 15 44.03 4.50 3.15
N LEU D 16 43.39 5.34 4.01
CA LEU D 16 43.76 6.72 4.26
C LEU D 16 45.18 6.89 4.79
N ALA D 17 45.69 5.88 5.53
CA ALA D 17 47.06 5.90 6.07
C ALA D 17 48.10 5.99 4.93
N SER D 18 47.90 5.14 3.91
CA SER D 18 48.72 4.94 2.75
C SER D 18 48.56 6.06 1.74
N CYS D 19 47.35 6.66 1.67
CA CYS D 19 47.02 7.73 0.73
C CYS D 19 48.07 8.85 0.75
N PRO D 20 48.68 9.24 -0.40
CA PRO D 20 49.66 10.33 -0.38
C PRO D 20 49.08 11.64 0.18
N LYS D 21 49.93 12.31 1.00
CA LYS D 21 49.61 13.58 1.70
C LYS D 21 50.07 14.75 0.87
N LYS D 22 49.40 15.87 1.05
CA LYS D 22 49.72 17.10 0.37
C LYS D 22 51.16 17.59 0.69
N PRO D 23 51.88 18.12 -0.33
CA PRO D 23 53.20 18.67 -0.06
C PRO D 23 53.01 19.96 0.71
N VAL D 24 54.06 20.36 1.48
CA VAL D 24 53.87 21.56 2.30
C VAL D 24 53.99 22.88 1.48
N SER D 25 53.06 23.83 1.77
CA SER D 25 53.09 25.22 1.27
C SER D 25 54.40 25.94 1.83
N SER D 26 54.72 27.13 1.30
CA SER D 26 55.95 27.84 1.64
C SER D 26 56.18 28.07 3.15
N TYR D 27 55.24 28.61 3.91
CA TYR D 27 55.48 28.79 5.35
C TYR D 27 55.72 27.44 6.08
N LEU D 28 54.86 26.40 5.91
CA LEU D 28 55.18 25.14 6.60
C LEU D 28 56.61 24.62 6.21
N ARG D 29 56.96 24.72 4.93
CA ARG D 29 58.24 24.31 4.45
C ARG D 29 59.36 25.05 5.18
N PHE D 30 59.12 26.34 5.47
CA PHE D 30 60.02 27.23 6.22
C PHE D 30 60.01 26.82 7.67
N SER D 31 58.83 26.77 8.29
CA SER D 31 58.71 26.34 9.66
C SER D 31 59.45 25.02 9.85
N LYS D 32 59.35 24.09 8.89
CA LYS D 32 60.03 22.80 9.04
C LYS D 32 61.59 22.96 9.11
N GLU D 33 62.19 23.64 8.11
CA GLU D 33 63.63 23.77 8.03
C GLU D 33 64.26 24.63 9.14
N GLN D 34 63.44 25.50 9.83
CA GLN D 34 63.85 26.49 10.84
C GLN D 34 63.74 25.99 12.25
N LEU D 35 62.72 25.20 12.54
CA LEU D 35 62.44 24.69 13.88
C LEU D 35 63.69 24.13 14.52
N PRO D 36 64.47 23.23 13.87
CA PRO D 36 65.70 22.74 14.51
C PRO D 36 66.68 23.87 14.84
N ILE D 37 66.92 24.77 13.87
CA ILE D 37 67.79 25.94 14.04
C ILE D 37 67.33 26.83 15.24
N PHE D 38 66.06 27.02 15.43
CA PHE D 38 65.57 27.81 16.57
C PHE D 38 65.61 27.00 17.86
N LYS D 39 65.28 25.71 17.78
CA LYS D 39 65.32 24.82 18.94
C LYS D 39 66.72 24.80 19.48
N ALA D 40 67.73 24.66 18.59
CA ALA D 40 69.15 24.62 18.95
C ALA D 40 69.54 25.88 19.73
N GLN D 41 69.08 27.04 19.30
CA GLN D 41 69.42 28.31 19.93
C GLN D 41 68.57 28.61 21.16
N ASN D 42 67.55 27.81 21.47
CA ASN D 42 66.70 27.99 22.67
C ASN D 42 66.19 26.63 23.14
N PRO D 43 67.04 25.73 23.68
CA PRO D 43 66.52 24.38 24.00
C PRO D 43 65.63 24.38 25.26
N ASP D 44 65.55 25.55 25.90
CA ASP D 44 64.77 25.82 27.10
C ASP D 44 63.31 26.11 26.77
N ALA D 45 63.10 26.67 25.56
CA ALA D 45 61.82 27.11 24.97
C ALA D 45 60.91 25.96 24.54
N LYS D 46 59.62 26.16 24.66
CA LYS D 46 58.63 25.19 24.22
C LYS D 46 58.34 25.45 22.76
N THR D 47 58.08 24.37 22.01
CA THR D 47 57.80 24.34 20.57
C THR D 47 56.88 25.50 20.15
N THR D 48 55.75 25.71 20.87
CA THR D 48 54.76 26.74 20.67
C THR D 48 55.40 28.13 20.55
N GLU D 49 56.39 28.44 21.45
CA GLU D 49 57.07 29.73 21.44
C GLU D 49 57.98 29.86 20.22
N LEU D 50 58.73 28.80 19.88
CA LEU D 50 59.57 28.77 18.69
C LEU D 50 58.74 28.99 17.40
N ILE D 51 57.57 28.38 17.31
CA ILE D 51 56.68 28.52 16.16
C ILE D 51 56.22 29.99 16.05
N ARG D 52 55.84 30.64 17.17
CA ARG D 52 55.44 32.05 17.15
C ARG D 52 56.56 32.91 16.53
N ARG D 53 57.81 32.63 16.93
CA ARG D 53 59.00 33.35 16.44
C ARG D 53 59.30 33.04 14.97
N ILE D 54 59.09 31.74 14.57
CA ILE D 54 59.35 31.37 13.19
C ILE D 54 58.36 32.16 12.30
N ALA D 55 57.04 32.13 12.65
CA ALA D 55 56.01 32.86 11.91
C ALA D 55 56.40 34.32 11.75
N GLN D 56 56.92 34.93 12.86
CA GLN D 56 57.39 36.30 12.90
C GLN D 56 58.45 36.50 11.81
N ARG D 57 59.49 35.62 11.80
CA ARG D 57 60.56 35.71 10.81
C ARG D 57 60.03 35.59 9.43
N TRP D 58 59.05 34.68 9.26
CA TRP D 58 58.40 34.44 8.00
C TRP D 58 57.80 35.74 7.50
N ARG D 59 56.92 36.35 8.32
CA ARG D 59 56.28 37.63 8.02
C ARG D 59 57.30 38.70 7.61
N GLU D 60 58.44 38.77 8.33
CA GLU D 60 59.51 39.72 8.07
C GLU D 60 60.24 39.43 6.74
N LEU D 61 60.47 38.16 6.47
CA LEU D 61 61.20 37.71 5.30
C LEU D 61 60.71 38.35 3.97
N PRO D 62 61.66 38.83 3.13
CA PRO D 62 61.28 39.46 1.85
C PRO D 62 60.49 38.57 0.95
N ASP D 63 59.82 39.14 -0.08
CA ASP D 63 59.03 38.37 -1.04
C ASP D 63 59.87 37.38 -1.89
N SER D 64 61.05 37.83 -2.39
CA SER D 64 61.99 37.04 -3.16
C SER D 64 62.46 35.82 -2.39
N LYS D 65 62.53 35.87 -1.03
CA LYS D 65 62.98 34.71 -0.24
C LYS D 65 61.81 33.70 -0.06
N LYS D 66 60.61 34.22 0.31
CA LYS D 66 59.31 33.52 0.37
C LYS D 66 59.06 32.67 -0.91
N LYS D 67 59.25 33.28 -2.12
CA LYS D 67 59.01 32.68 -3.46
C LYS D 67 59.83 31.38 -3.65
N ILE D 68 61.06 31.33 -3.10
CA ILE D 68 61.86 30.12 -3.25
C ILE D 68 61.12 28.93 -2.57
N TYR D 69 60.59 29.12 -1.36
CA TYR D 69 59.81 28.07 -0.75
C TYR D 69 58.57 27.74 -1.59
N GLN D 70 57.87 28.79 -2.09
CA GLN D 70 56.67 28.59 -2.88
C GLN D 70 56.98 27.78 -4.20
N ASP D 71 58.04 28.18 -4.89
CA ASP D 71 58.42 27.53 -6.12
C ASP D 71 58.62 26.01 -5.94
N ALA D 72 59.15 25.60 -4.79
CA ALA D 72 59.35 24.21 -4.41
C ALA D 72 58.03 23.55 -4.20
N TYR D 73 57.13 24.23 -3.43
CA TYR D 73 55.82 23.70 -3.19
C TYR D 73 55.12 23.38 -4.51
N ARG D 74 55.18 24.36 -5.45
CA ARG D 74 54.53 24.25 -6.75
C ARG D 74 55.04 23.04 -7.47
N ALA D 75 56.36 22.89 -7.56
CA ALA D 75 56.99 21.71 -8.15
C ALA D 75 56.53 20.41 -7.45
N GLU D 76 56.52 20.39 -6.14
CA GLU D 76 56.11 19.21 -5.46
C GLU D 76 54.63 18.92 -5.72
N TRP D 77 53.77 19.93 -5.86
CA TRP D 77 52.36 19.70 -6.16
C TRP D 77 52.21 18.79 -7.39
N GLN D 78 53.08 19.02 -8.38
CA GLN D 78 53.03 18.23 -9.61
C GLN D 78 53.37 16.75 -9.35
N VAL D 79 54.28 16.49 -8.43
CA VAL D 79 54.62 15.13 -8.02
C VAL D 79 53.40 14.56 -7.28
N TYR D 80 52.76 15.37 -6.42
CA TYR D 80 51.59 14.93 -5.61
C TYR D 80 50.51 14.49 -6.53
N LYS D 81 50.22 15.37 -7.50
CA LYS D 81 49.24 15.24 -8.58
C LYS D 81 49.45 13.90 -9.21
N GLU D 82 50.69 13.59 -9.55
CA GLU D 82 50.95 12.31 -10.17
C GLU D 82 50.75 11.15 -9.25
N GLU D 83 51.17 11.25 -7.98
CA GLU D 83 51.16 10.14 -7.04
C GLU D 83 49.77 9.76 -6.69
N ILE D 84 48.96 10.76 -6.36
CA ILE D 84 47.59 10.50 -5.90
C ILE D 84 46.80 9.87 -7.04
N SER D 85 47.01 10.36 -8.27
CA SER D 85 46.42 9.84 -9.49
C SER D 85 46.73 8.33 -9.58
N ARG D 86 48.01 8.02 -9.60
CA ARG D 86 48.50 6.67 -9.65
C ARG D 86 47.93 5.85 -8.50
N PHE D 87 47.81 6.42 -7.30
CA PHE D 87 47.27 5.73 -6.12
C PHE D 87 45.77 5.36 -6.31
N LYS D 88 44.91 6.35 -6.47
CA LYS D 88 43.49 6.16 -6.62
C LYS D 88 43.22 5.27 -7.81
N GLU D 89 44.03 5.36 -8.88
CA GLU D 89 43.84 4.48 -10.06
C GLU D 89 43.95 2.98 -9.66
N GLN D 90 45.04 2.59 -8.97
CA GLN D 90 45.22 1.21 -8.57
C GLN D 90 44.28 0.76 -7.41
N LEU D 91 43.37 1.61 -6.96
CA LEU D 91 42.46 1.21 -5.89
C LEU D 91 41.21 0.68 -6.49
N THR D 92 40.61 -0.28 -5.82
CA THR D 92 39.32 -0.82 -6.27
C THR D 92 38.27 0.16 -5.83
N PRO D 93 37.16 0.24 -6.56
CA PRO D 93 36.14 1.22 -6.19
C PRO D 93 35.72 1.14 -4.72
N SER D 94 35.64 -0.09 -4.17
CA SER D 94 35.23 -0.31 -2.80
C SER D 94 36.22 0.34 -1.85
N GLN D 95 37.54 0.21 -2.21
CA GLN D 95 38.63 0.74 -1.38
C GLN D 95 38.56 2.23 -1.34
N ILE D 96 38.15 2.85 -2.46
CA ILE D 96 37.96 4.28 -2.56
C ILE D 96 36.79 4.67 -1.65
N MET D 97 35.69 3.93 -1.74
CA MET D 97 34.52 4.11 -0.87
C MET D 97 34.95 3.98 0.60
N SER D 98 35.86 3.03 0.94
CA SER D 98 36.39 2.98 2.32
C SER D 98 37.01 4.28 2.74
N LEU D 99 37.93 4.76 1.91
CA LEU D 99 38.65 5.98 2.15
C LEU D 99 37.66 7.13 2.26
N GLU D 100 36.71 7.24 1.35
CA GLU D 100 35.73 8.30 1.42
C GLU D 100 35.05 8.31 2.81
N LYS D 101 34.59 7.12 3.27
CA LYS D 101 33.97 6.90 4.57
C LYS D 101 34.95 7.27 5.68
N GLU D 102 36.11 6.66 5.70
CA GLU D 102 37.15 6.95 6.67
C GLU D 102 37.32 8.43 6.91
N ILE D 103 37.11 9.25 5.85
CA ILE D 103 37.25 10.72 5.94
C ILE D 103 35.93 11.31 6.52
N MET D 104 34.78 10.86 6.00
CA MET D 104 33.47 11.28 6.51
C MET D 104 33.42 11.05 7.99
N ASP D 105 33.96 9.94 8.49
CA ASP D 105 33.94 9.70 9.92
C ASP D 105 34.80 10.70 10.61
N LYS D 106 36.04 10.87 10.13
CA LYS D 106 36.96 11.80 10.76
C LYS D 106 36.22 13.10 11.08
N HIS D 107 35.40 13.58 10.12
CA HIS D 107 34.64 14.80 10.25
C HIS D 107 33.57 14.66 11.28
N LEU D 108 32.66 13.70 11.12
CA LEU D 108 31.60 13.49 12.08
C LEU D 108 32.13 13.51 13.48
N LYS D 109 33.01 12.59 13.77
CA LYS D 109 33.65 12.38 15.08
C LYS D 109 34.32 13.69 15.60
N ARG D 110 34.60 14.62 14.75
CA ARG D 110 35.18 15.85 15.21
C ARG D 110 34.06 16.85 15.50
N LYS D 111 33.05 16.91 14.60
CA LYS D 111 31.84 17.75 14.72
C LYS D 111 31.15 17.36 16.04
N ALA D 112 31.08 16.07 16.27
CA ALA D 112 30.51 15.47 17.44
C ALA D 112 31.18 16.01 18.71
N MET D 113 32.49 15.76 18.86
CA MET D 113 33.20 16.12 20.08
C MET D 113 33.26 17.62 20.32
N THR D 114 33.08 18.41 19.30
CA THR D 114 32.99 19.83 19.48
C THR D 114 31.70 20.04 20.28
N LYS D 115 30.53 19.54 19.82
CA LYS D 115 29.23 19.62 20.54
C LYS D 115 29.34 19.02 21.97
N LYS D 116 29.99 17.87 22.12
CA LYS D 116 30.12 17.30 23.44
C LYS D 116 30.73 18.31 24.41
N LYS D 117 31.85 18.93 24.03
CA LYS D 117 32.49 19.91 24.90
C LYS D 117 31.52 21.07 25.20
N GLU D 118 30.71 21.52 24.22
CA GLU D 118 29.81 22.67 24.36
C GLU D 118 28.86 22.39 25.43
N LEU D 119 28.26 21.22 25.33
CA LEU D 119 27.27 20.77 26.27
C LEU D 119 27.87 20.68 27.66
N THR D 120 29.03 20.05 27.76
CA THR D 120 29.76 20.02 29.02
C THR D 120 30.08 21.42 29.57
N LEU D 121 30.55 22.31 28.74
CA LEU D 121 30.90 23.62 29.21
C LEU D 121 29.70 24.27 29.80
N LEU D 122 28.51 23.98 29.22
CA LEU D 122 27.20 24.51 29.68
C LEU D 122 26.63 23.75 30.91
N GLY D 123 27.40 22.79 31.38
CA GLY D 123 27.06 21.97 32.53
C GLY D 123 25.76 21.22 32.37
N LYS D 124 25.67 20.40 31.32
CA LYS D 124 24.47 19.62 30.99
C LYS D 124 24.48 18.41 31.89
N PRO D 125 23.40 18.11 32.62
CA PRO D 125 23.37 16.91 33.48
C PRO D 125 23.85 15.61 32.81
N LYS D 126 24.49 14.76 33.63
CA LYS D 126 24.94 13.43 33.17
C LYS D 126 23.73 12.49 33.11
N ARG D 127 23.83 11.41 32.35
CA ARG D 127 22.70 10.49 32.17
C ARG D 127 22.38 9.72 33.49
N PRO D 128 21.12 9.24 33.71
CA PRO D 128 20.87 8.45 34.90
C PRO D 128 21.68 7.16 34.84
N ARG D 129 22.24 6.78 35.99
CA ARG D 129 23.01 5.55 36.17
C ARG D 129 22.05 4.41 36.28
N SER D 130 22.38 3.32 35.59
CA SER D 130 21.62 2.07 35.52
C SER D 130 21.89 1.23 36.76
N ALA D 131 21.12 0.15 36.91
CA ALA D 131 21.34 -0.77 38.01
C ALA D 131 22.87 -1.12 38.18
N TYR D 132 23.41 -1.57 37.05
CA TYR D 132 24.72 -2.08 36.79
C TYR D 132 25.81 -1.04 37.00
N ASN D 133 25.54 0.22 36.63
CA ASN D 133 26.52 1.30 36.80
C ASN D 133 26.90 1.44 38.27
N VAL D 134 25.87 1.49 39.15
CA VAL D 134 26.00 1.63 40.61
C VAL D 134 26.89 0.51 41.18
N TYR D 135 26.77 -0.73 40.65
CA TYR D 135 27.57 -1.86 41.08
C TYR D 135 29.04 -1.66 40.72
N VAL D 136 29.36 -1.44 39.43
CA VAL D 136 30.73 -1.24 38.93
C VAL D 136 31.42 -0.13 39.75
N ALA D 137 30.66 0.91 40.16
CA ALA D 137 31.13 2.04 40.95
C ALA D 137 31.45 1.68 42.44
N GLU D 138 30.98 0.52 42.97
CA GLU D 138 31.25 0.15 44.36
C GLU D 138 32.05 -1.16 44.52
N ARG D 139 32.53 -1.80 43.42
CA ARG D 139 33.31 -3.03 43.57
C ARG D 139 34.46 -3.16 42.54
N PHE D 140 34.60 -2.22 41.59
CA PHE D 140 35.67 -2.27 40.59
C PHE D 140 37.08 -2.33 41.25
N GLN D 141 37.29 -1.53 42.32
CA GLN D 141 38.54 -1.40 43.08
C GLN D 141 38.97 -2.75 43.73
N GLU D 142 38.04 -3.38 44.47
CA GLU D 142 38.24 -4.62 45.21
C GLU D 142 38.32 -5.85 44.30
N ALA D 143 37.73 -5.77 43.08
CA ALA D 143 37.73 -6.86 42.09
C ALA D 143 39.16 -7.29 41.76
N LYS D 144 39.39 -8.61 41.66
CA LYS D 144 40.72 -9.16 41.38
C LYS D 144 40.96 -9.26 39.86
N GLY D 145 42.01 -8.56 39.40
CA GLY D 145 42.41 -8.50 37.99
C GLY D 145 43.65 -7.68 37.76
N ASP D 146 44.41 -8.03 36.70
CA ASP D 146 45.67 -7.35 36.33
C ASP D 146 45.38 -5.93 35.79
N SER D 147 44.74 -5.84 34.61
CA SER D 147 44.38 -4.60 33.87
C SER D 147 42.91 -4.19 34.12
N PRO D 148 42.50 -2.90 33.87
CA PRO D 148 41.09 -2.51 34.09
C PRO D 148 40.09 -3.28 33.20
N GLN D 149 40.56 -3.83 32.04
CA GLN D 149 39.73 -4.65 31.15
C GLN D 149 39.43 -6.00 31.81
N GLU D 150 40.47 -6.59 32.45
CA GLU D 150 40.43 -7.87 33.16
C GLU D 150 39.72 -7.72 34.49
N LYS D 151 39.77 -6.50 35.08
CA LYS D 151 39.09 -6.14 36.33
C LYS D 151 37.56 -6.11 36.12
N LEU D 152 37.09 -5.56 34.97
CA LEU D 152 35.68 -5.46 34.59
C LEU D 152 35.13 -6.84 34.27
N LYS D 153 36.00 -7.75 33.77
CA LYS D 153 35.64 -9.13 33.52
C LYS D 153 35.38 -9.83 34.88
N THR D 154 35.88 -9.29 35.95
CA THR D 154 35.57 -9.91 37.24
C THR D 154 34.26 -9.28 37.79
N VAL D 155 34.03 -7.97 37.57
CA VAL D 155 32.87 -7.21 38.04
C VAL D 155 31.56 -7.64 37.32
N LYS D 156 31.60 -7.86 35.99
N LYS D 156 31.66 -7.89 36.00
CA LYS D 156 30.39 -8.21 35.23
CA LYS D 156 30.58 -8.29 35.13
C LYS D 156 29.91 -9.63 35.53
C LYS D 156 30.19 -9.75 35.34
N GLU D 157 30.86 -10.60 35.60
N GLU D 157 31.18 -10.67 35.56
CA GLU D 157 30.56 -12.01 35.86
CA GLU D 157 30.96 -12.12 35.77
C GLU D 157 29.83 -12.21 37.20
C GLU D 157 30.36 -12.30 37.10
N ASN D 158 30.20 -11.44 38.25
N ASN D 158 30.70 -11.39 38.06
CA ASN D 158 29.64 -11.52 39.60
CA ASN D 158 30.10 -11.42 39.38
C ASN D 158 28.27 -10.77 39.73
C ASN D 158 28.60 -11.11 39.26
N TRP D 159 27.48 -10.67 38.62
N TRP D 159 28.19 -10.23 38.30
CA TRP D 159 26.16 -10.01 38.53
CA TRP D 159 26.78 -9.88 38.00
C TRP D 159 25.18 -10.76 37.55
C TRP D 159 26.08 -11.08 37.29
N LYS D 160 25.70 -11.39 36.48
N LYS D 160 26.83 -11.87 36.45
CA LYS D 160 25.04 -12.09 35.37
CA LYS D 160 26.35 -13.04 35.70
C LYS D 160 23.84 -13.02 35.73
C LYS D 160 25.85 -14.17 36.63
N ASN D 161 22.92 -13.22 34.74
N ASN D 161 26.54 -14.38 37.77
CA ASN D 161 21.77 -14.13 34.73
CA ASN D 161 26.15 -15.40 38.76
C ASN D 161 20.85 -14.05 35.96
C ASN D 161 25.91 -14.73 40.13
N LEU D 162 20.66 -12.85 36.52
N LEU D 162 25.15 -13.61 40.13
CA LEU D 162 19.82 -12.71 37.69
CA LEU D 162 24.73 -12.91 41.34
C LEU D 162 18.39 -12.32 37.38
C LEU D 162 23.27 -13.23 41.62
N SER D 163 17.51 -12.50 38.38
N SER D 163 22.87 -13.08 42.87
CA SER D 163 16.10 -12.15 38.37
CA SER D 163 21.50 -13.36 43.33
C SER D 163 15.59 -12.15 39.80
C SER D 163 20.66 -12.07 43.38
N ASP D 164 15.16 -10.97 40.27
N ASP D 164 19.32 -12.24 43.56
CA ASP D 164 14.60 -10.70 41.59
CA ASP D 164 18.37 -11.14 43.74
C ASP D 164 15.54 -11.14 42.75
C ASP D 164 18.35 -10.83 45.27
N SER D 165 16.78 -10.60 42.75
N SER D 165 17.81 -9.64 45.67
CA SER D 165 17.81 -10.88 43.75
CA SER D 165 17.77 -9.09 47.05
C SER D 165 17.88 -9.78 44.83
C SER D 165 19.19 -8.64 47.52
N GLU D 166 18.98 -9.75 45.64
N GLU D 166 20.15 -8.55 46.55
CA GLU D 166 19.25 -8.73 46.66
CA GLU D 166 21.56 -8.09 46.63
C GLU D 166 19.55 -7.37 45.99
C GLU D 166 21.84 -7.14 45.45
N LYS D 167 19.71 -7.40 44.65
N LYS D 167 21.30 -7.50 44.25
CA LYS D 167 19.99 -6.29 43.74
CA LYS D 167 21.32 -6.77 42.98
C LYS D 167 19.01 -5.12 43.87
C LYS D 167 20.21 -5.70 43.01
N GLU D 168 17.85 -5.36 44.52
N GLU D 168 19.17 -5.96 43.84
CA GLU D 168 16.85 -4.33 44.79
CA GLU D 168 18.00 -5.10 44.09
C GLU D 168 17.41 -3.32 45.84
C GLU D 168 18.38 -3.93 45.04
N LEU D 169 18.70 -3.49 46.22
N LEU D 169 19.60 -4.02 45.66
CA LEU D 169 19.56 -2.66 47.09
CA LEU D 169 20.22 -3.00 46.53
C LEU D 169 20.23 -1.57 46.22
C LEU D 169 20.86 -1.90 45.62
N TYR D 170 20.55 -1.91 44.94
N TYR D 170 20.95 -2.19 44.31
CA TYR D 170 21.17 -1.06 43.92
CA TYR D 170 21.50 -1.31 43.27
C TYR D 170 20.12 -0.43 42.97
C TYR D 170 20.40 -0.82 42.29
N ILE D 171 19.11 -1.22 42.51
CA ILE D 171 17.99 -0.77 41.64
C ILE D 171 17.22 0.36 42.39
N GLN D 172 17.36 0.45 43.75
CA GLN D 172 16.79 1.52 44.57
C GLN D 172 17.57 2.80 44.35
N HIS D 173 18.83 2.71 43.90
CA HIS D 173 19.64 3.87 43.60
C HIS D 173 19.32 4.38 42.18
N ALA D 174 19.07 3.43 41.25
CA ALA D 174 18.76 3.67 39.84
C ALA D 174 17.50 4.48 39.65
N LYS D 175 16.45 4.22 40.48
CA LYS D 175 15.18 4.97 40.38
C LYS D 175 15.35 6.34 41.03
N GLU D 176 16.22 6.40 42.08
CA GLU D 176 16.54 7.61 42.83
C GLU D 176 17.30 8.58 41.93
N ASP D 177 18.18 8.00 41.08
CA ASP D 177 18.98 8.71 40.09
C ASP D 177 18.18 9.09 38.88
N GLU D 178 17.31 8.20 38.38
CA GLU D 178 16.44 8.52 37.25
C GLU D 178 15.53 9.71 37.64
N THR D 179 15.29 9.92 38.97
CA THR D 179 14.55 11.07 39.45
C THR D 179 15.51 12.26 39.43
N ARG D 180 16.75 12.07 39.94
CA ARG D 180 17.80 13.11 39.94
C ARG D 180 18.01 13.71 38.55
N TYR D 181 18.20 12.83 37.55
CA TYR D 181 18.34 13.19 36.16
C TYR D 181 17.15 14.01 35.72
N HIS D 182 15.92 13.48 35.93
CA HIS D 182 14.71 14.19 35.54
C HIS D 182 14.71 15.61 36.09
N ASN D 183 15.06 15.75 37.38
CA ASN D 183 15.11 17.02 38.08
C ASN D 183 16.21 17.95 37.54
N GLU D 184 17.48 17.43 37.46
CA GLU D 184 18.65 18.17 36.95
C GLU D 184 18.39 18.64 35.52
N MET D 185 17.73 17.82 34.69
CA MET D 185 17.34 18.20 33.33
C MET D 185 16.26 19.31 33.29
N LYS D 186 15.38 19.33 34.26
CA LYS D 186 14.30 20.26 34.29
C LYS D 186 14.86 21.64 34.52
N SER D 187 15.83 21.75 35.46
CA SER D 187 16.52 22.98 35.82
C SER D 187 17.36 23.49 34.69
N TRP D 188 18.18 22.56 34.11
CA TRP D 188 19.10 22.90 33.03
C TRP D 188 18.38 23.38 31.80
N GLU D 189 17.26 22.68 31.35
CA GLU D 189 16.50 23.12 30.17
C GLU D 189 15.87 24.50 30.44
N GLU D 190 15.47 24.79 31.73
CA GLU D 190 15.00 26.12 32.14
C GLU D 190 16.10 27.19 31.90
N GLN D 191 17.31 26.93 32.38
CA GLN D 191 18.42 27.87 32.15
C GLN D 191 18.73 28.02 30.63
N MET D 192 18.65 26.88 29.85
CA MET D 192 18.94 26.92 28.42
C MET D 192 17.98 27.83 27.70
N ILE D 193 16.65 27.72 27.97
CA ILE D 193 15.72 28.70 27.37
C ILE D 193 16.18 30.12 27.72
N GLU D 194 16.34 30.38 29.03
CA GLU D 194 16.77 31.65 29.59
C GLU D 194 18.01 32.21 28.93
N VAL D 195 18.96 31.39 28.45
CA VAL D 195 20.19 31.96 27.88
C VAL D 195 20.09 31.95 26.35
N GLY D 196 18.86 31.78 25.87
CA GLY D 196 18.52 31.72 24.46
C GLY D 196 19.02 30.49 23.73
N ARG D 197 18.88 29.33 24.34
CA ARG D 197 19.36 28.10 23.74
C ARG D 197 18.28 27.05 23.81
N LYS D 198 17.04 27.45 23.46
CA LYS D 198 15.91 26.51 23.41
C LYS D 198 16.23 25.39 22.46
N ASP D 199 17.16 25.60 21.52
CA ASP D 199 17.59 24.55 20.62
C ASP D 199 18.31 23.40 21.35
N LEU D 200 18.64 23.52 22.66
CA LEU D 200 19.37 22.43 23.25
C LEU D 200 18.44 21.47 23.99
N LEU D 201 17.11 21.78 23.94
CA LEU D 201 16.04 21.00 24.60
C LEU D 201 15.74 19.69 23.91
N ARG D 202 15.27 18.70 24.65
CA ARG D 202 14.84 17.41 24.09
C ARG D 202 13.65 17.64 23.26
N ARG D 203 13.57 16.90 22.15
CA ARG D 203 12.44 17.05 21.23
C ARG D 203 11.33 16.15 21.72
N THR D 204 11.70 14.88 22.03
CA THR D 204 10.82 13.82 22.52
C THR D 204 10.95 13.63 24.06
N SER G 13 -21.50 7.26 -5.86
CA SER G 13 -20.35 6.71 -5.13
C SER G 13 -20.58 5.24 -4.69
N SER G 14 -19.53 4.39 -4.85
CA SER G 14 -19.50 2.97 -4.54
C SER G 14 -19.02 2.72 -3.12
N VAL G 15 -19.93 2.24 -2.27
CA VAL G 15 -19.64 1.89 -0.86
C VAL G 15 -18.56 0.77 -0.85
N LEU G 16 -18.69 -0.21 -1.80
CA LEU G 16 -17.79 -1.33 -2.00
C LEU G 16 -16.34 -0.93 -2.21
N ALA G 17 -16.11 0.21 -2.86
CA ALA G 17 -14.76 0.74 -3.05
C ALA G 17 -14.07 1.06 -1.71
N SER G 18 -14.82 1.70 -0.76
CA SER G 18 -14.32 2.12 0.55
C SER G 18 -14.38 0.99 1.59
N CYS G 19 -15.10 -0.10 1.27
CA CYS G 19 -15.18 -1.25 2.17
C CYS G 19 -13.80 -1.88 2.36
N PRO G 20 -13.32 -2.06 3.63
CA PRO G 20 -12.00 -2.69 3.81
C PRO G 20 -11.92 -4.10 3.20
N LYS G 21 -10.75 -4.35 2.58
CA LYS G 21 -10.42 -5.60 1.89
C LYS G 21 -9.71 -6.52 2.82
N LYS G 22 -9.85 -7.82 2.56
CA LYS G 22 -9.20 -8.84 3.34
C LYS G 22 -7.65 -8.74 3.31
N PRO G 23 -6.99 -8.98 4.46
CA PRO G 23 -5.51 -9.00 4.45
C PRO G 23 -5.05 -10.19 3.68
N VAL G 24 -3.82 -10.13 3.15
CA VAL G 24 -3.39 -11.29 2.35
C VAL G 24 -2.91 -12.48 3.20
N SER G 25 -3.34 -13.67 2.76
CA SER G 25 -2.84 -14.96 3.29
C SER G 25 -1.29 -15.14 2.93
N SER G 26 -0.62 -16.08 3.61
CA SER G 26 0.81 -16.40 3.49
C SER G 26 1.36 -16.36 2.08
N TYR G 27 0.88 -17.23 1.19
CA TYR G 27 1.43 -17.23 -0.16
C TYR G 27 1.27 -15.85 -0.87
N LEU G 28 0.07 -15.22 -0.92
CA LEU G 28 0.02 -13.89 -1.57
C LEU G 28 1.00 -12.89 -0.88
N ARG G 29 1.14 -12.99 0.46
CA ARG G 29 2.04 -12.10 1.18
C ARG G 29 3.46 -12.29 0.69
N PHE G 30 3.81 -13.56 0.42
CA PHE G 30 5.09 -13.99 -0.13
C PHE G 30 5.22 -13.53 -1.57
N SER G 31 4.25 -13.88 -2.38
CA SER G 31 4.23 -13.49 -3.77
C SER G 31 4.47 -11.99 -3.92
N LYS G 32 3.79 -11.16 -3.10
CA LYS G 32 3.88 -9.70 -3.22
C LYS G 32 5.33 -9.22 -2.98
N GLU G 33 5.94 -9.78 -1.96
CA GLU G 33 7.28 -9.47 -1.47
C GLU G 33 8.42 -9.90 -2.41
N GLN G 34 8.17 -11.00 -3.17
CA GLN G 34 9.12 -11.68 -4.03
C GLN G 34 9.09 -11.20 -5.46
N LEU G 35 7.91 -10.88 -5.98
CA LEU G 35 7.72 -10.46 -7.38
C LEU G 35 8.76 -9.39 -7.76
N PRO G 36 8.98 -8.30 -7.00
CA PRO G 36 10.03 -7.34 -7.38
C PRO G 36 11.41 -7.98 -7.47
N ILE G 37 11.80 -8.77 -6.47
CA ILE G 37 13.07 -9.50 -6.43
C ILE G 37 13.24 -10.43 -7.67
N PHE G 38 12.19 -11.10 -8.11
CA PHE G 38 12.27 -11.96 -9.28
C PHE G 38 12.25 -11.14 -10.58
N LYS G 39 11.45 -10.05 -10.63
CA LYS G 39 11.32 -9.17 -11.79
C LYS G 39 12.67 -8.52 -12.06
N ALA G 40 13.39 -8.15 -10.99
CA ALA G 40 14.70 -7.53 -11.03
C ALA G 40 15.76 -8.47 -11.61
N GLN G 41 15.63 -9.77 -11.36
CA GLN G 41 16.56 -10.77 -11.86
C GLN G 41 16.14 -11.36 -13.20
N ASN G 42 14.97 -10.99 -13.74
CA ASN G 42 14.50 -11.45 -15.06
C ASN G 42 13.60 -10.38 -15.66
N PRO G 43 14.12 -9.22 -16.12
CA PRO G 43 13.20 -8.14 -16.56
C PRO G 43 12.53 -8.41 -17.91
N ASP G 44 12.99 -9.44 -18.66
CA ASP G 44 12.40 -9.77 -19.94
C ASP G 44 11.33 -10.84 -19.82
N ALA G 45 11.24 -11.48 -18.63
CA ALA G 45 10.24 -12.50 -18.30
C ALA G 45 8.87 -11.88 -18.09
N LYS G 46 7.81 -12.64 -18.46
CA LYS G 46 6.40 -12.28 -18.27
C LYS G 46 6.08 -12.45 -16.79
N THR G 47 5.20 -11.61 -16.26
CA THR G 47 4.75 -11.68 -14.86
C THR G 47 4.29 -13.13 -14.54
N THR G 48 3.47 -13.71 -15.44
CA THR G 48 2.91 -15.04 -15.37
C THR G 48 3.99 -16.09 -15.07
N GLU G 49 5.18 -16.02 -15.74
CA GLU G 49 6.23 -17.02 -15.50
C GLU G 49 6.86 -16.80 -14.14
N LEU G 50 7.08 -15.54 -13.77
CA LEU G 50 7.62 -15.21 -12.47
C LEU G 50 6.73 -15.73 -11.33
N ILE G 51 5.42 -15.60 -11.49
CA ILE G 51 4.45 -16.10 -10.51
C ILE G 51 4.56 -17.66 -10.43
N ARG G 52 4.68 -18.37 -11.58
CA ARG G 52 4.86 -19.82 -11.58
C ARG G 52 6.10 -20.19 -10.73
N ARG G 53 7.20 -19.44 -10.91
CA ARG G 53 8.46 -19.64 -10.19
C ARG G 53 8.31 -19.29 -8.69
N ILE G 54 7.55 -18.22 -8.38
CA ILE G 54 7.37 -17.81 -6.98
C ILE G 54 6.59 -18.94 -6.24
N ALA G 55 5.50 -19.44 -6.86
CA ALA G 55 4.72 -20.52 -6.30
C ALA G 55 5.60 -21.72 -6.02
N GLN G 56 6.52 -22.04 -6.98
CA GLN G 56 7.47 -23.12 -6.88
C GLN G 56 8.30 -22.94 -5.60
N ARG G 57 8.90 -21.73 -5.43
CA ARG G 57 9.72 -21.43 -4.25
C ARG G 57 8.92 -21.57 -3.00
N TRP G 58 7.65 -21.11 -3.07
CA TRP G 58 6.73 -21.19 -1.96
C TRP G 58 6.59 -22.63 -1.51
N ARG G 59 6.19 -23.52 -2.46
CA ARG G 59 6.05 -24.95 -2.24
C ARG G 59 7.29 -25.55 -1.60
N GLU G 60 8.49 -25.15 -2.06
CA GLU G 60 9.78 -25.65 -1.57
C GLU G 60 10.14 -25.17 -0.17
N LEU G 61 9.69 -23.99 0.18
CA LEU G 61 10.07 -23.32 1.42
C LEU G 61 9.55 -24.06 2.69
N PRO G 62 10.40 -24.13 3.74
CA PRO G 62 10.04 -24.87 4.96
C PRO G 62 8.86 -24.29 5.67
N ASP G 63 8.16 -25.15 6.41
CA ASP G 63 6.99 -24.80 7.22
C ASP G 63 7.29 -23.69 8.21
N SER G 64 8.48 -23.69 8.83
CA SER G 64 8.92 -22.66 9.75
C SER G 64 8.98 -21.31 9.07
N LYS G 65 9.41 -21.28 7.79
CA LYS G 65 9.48 -20.03 7.05
C LYS G 65 8.09 -19.59 6.61
N LYS G 66 7.28 -20.52 6.08
CA LYS G 66 5.87 -20.30 5.76
C LYS G 66 5.11 -19.67 6.95
N LYS G 67 5.22 -20.27 8.15
CA LYS G 67 4.56 -19.79 9.37
C LYS G 67 4.76 -18.30 9.62
N ILE G 68 5.96 -17.74 9.31
CA ILE G 68 6.18 -16.32 9.53
C ILE G 68 5.15 -15.48 8.72
N TYR G 69 4.94 -15.80 7.45
CA TYR G 69 3.93 -15.13 6.67
C TYR G 69 2.53 -15.34 7.28
N GLN G 70 2.23 -16.57 7.68
CA GLN G 70 0.94 -16.91 8.27
C GLN G 70 0.68 -16.08 9.55
N ASP G 71 1.67 -16.04 10.41
CA ASP G 71 1.55 -15.32 11.66
C ASP G 71 1.16 -13.87 11.43
N ALA G 72 1.70 -13.26 10.37
CA ALA G 72 1.43 -11.88 9.97
C ALA G 72 0.01 -11.75 9.54
N TYR G 73 -0.44 -12.73 8.71
CA TYR G 73 -1.78 -12.73 8.20
C TYR G 73 -2.77 -12.78 9.35
N ARG G 74 -2.50 -13.68 10.30
CA ARG G 74 -3.37 -13.89 11.43
C ARG G 74 -3.52 -12.62 12.21
N ALA G 75 -2.41 -11.98 12.54
CA ALA G 75 -2.41 -10.68 13.21
C ALA G 75 -3.19 -9.61 12.39
N GLU G 76 -2.99 -9.57 11.08
CA GLU G 76 -3.69 -8.59 10.31
C GLU G 76 -5.17 -8.88 10.24
N TRP G 77 -5.57 -10.16 10.30
CA TRP G 77 -6.99 -10.50 10.31
C TRP G 77 -7.70 -9.76 11.47
N GLN G 78 -7.01 -9.68 12.63
CA GLN G 78 -7.58 -9.01 13.79
C GLN G 78 -7.80 -7.51 13.55
N VAL G 79 -6.93 -6.88 12.78
CA VAL G 79 -7.07 -5.49 12.39
C VAL G 79 -8.26 -5.38 11.43
N TYR G 80 -8.37 -6.35 10.49
CA TYR G 80 -9.44 -6.38 9.49
C TYR G 80 -10.78 -6.44 10.21
N LYS G 81 -10.93 -7.45 11.13
CA LYS G 81 -12.16 -7.62 11.94
C LYS G 81 -12.58 -6.32 12.47
N GLU G 82 -11.65 -5.66 13.12
CA GLU G 82 -11.90 -4.40 13.78
C GLU G 82 -12.34 -3.32 12.83
N GLU G 83 -11.69 -3.21 11.66
CA GLU G 83 -11.95 -2.17 10.68
C GLU G 83 -13.27 -2.34 10.05
N ILE G 84 -13.58 -3.56 9.64
CA ILE G 84 -14.83 -3.81 8.91
C ILE G 84 -16.02 -3.58 9.85
N SER G 85 -15.88 -4.12 11.10
CA SER G 85 -16.87 -3.95 12.15
C SER G 85 -17.18 -2.46 12.28
N ARG G 86 -16.13 -1.66 12.47
CA ARG G 86 -16.23 -0.22 12.60
C ARG G 86 -16.82 0.42 11.35
N PHE G 87 -16.49 -0.10 10.16
CA PHE G 87 -16.98 0.42 8.88
C PHE G 87 -18.49 0.25 8.77
N LYS G 88 -18.96 -0.99 8.90
CA LYS G 88 -20.35 -1.38 8.79
C LYS G 88 -21.18 -0.75 9.86
N GLU G 89 -20.63 -0.53 11.05
CA GLU G 89 -21.40 0.13 12.13
C GLU G 89 -21.72 1.61 11.79
N GLN G 90 -20.81 2.28 11.09
CA GLN G 90 -20.90 3.67 10.68
C GLN G 90 -21.85 3.83 9.48
N LEU G 91 -22.21 2.74 8.79
CA LEU G 91 -23.09 2.81 7.61
C LEU G 91 -24.55 2.74 7.98
N THR G 92 -25.38 3.40 7.21
CA THR G 92 -26.83 3.37 7.43
C THR G 92 -27.35 2.09 6.85
N PRO G 93 -28.46 1.56 7.36
CA PRO G 93 -28.95 0.29 6.84
C PRO G 93 -29.10 0.26 5.32
N SER G 94 -29.53 1.39 4.75
CA SER G 94 -29.76 1.44 3.32
C SER G 94 -28.44 1.32 2.60
N GLN G 95 -27.36 1.91 3.17
CA GLN G 95 -26.03 1.89 2.56
C GLN G 95 -25.49 0.49 2.55
N ILE G 96 -25.84 -0.29 3.59
CA ILE G 96 -25.47 -1.68 3.70
C ILE G 96 -26.19 -2.43 2.59
N MET G 97 -27.47 -2.18 2.43
CA MET G 97 -28.28 -2.77 1.36
C MET G 97 -27.68 -2.44 0.02
N SER G 98 -27.24 -1.20 -0.14
CA SER G 98 -26.58 -0.80 -1.36
C SER G 98 -25.31 -1.67 -1.60
N LEU G 99 -24.53 -1.88 -0.57
CA LEU G 99 -23.32 -2.66 -0.63
C LEU G 99 -23.65 -4.12 -0.98
N GLU G 100 -24.64 -4.73 -0.28
CA GLU G 100 -25.05 -6.09 -0.57
C GLU G 100 -25.44 -6.21 -2.03
N LYS G 101 -26.24 -5.23 -2.55
CA LYS G 101 -26.67 -5.18 -3.93
C LYS G 101 -25.44 -5.09 -4.87
N GLU G 102 -24.46 -4.26 -4.56
CA GLU G 102 -23.30 -4.13 -5.42
C GLU G 102 -22.61 -5.46 -5.62
N ILE G 103 -22.59 -6.27 -4.55
CA ILE G 103 -21.94 -7.58 -4.55
C ILE G 103 -22.80 -8.57 -5.39
N MET G 104 -24.11 -8.59 -5.13
CA MET G 104 -25.02 -9.42 -5.87
C MET G 104 -24.88 -9.13 -7.36
N ASP G 105 -24.81 -7.84 -7.74
CA ASP G 105 -24.71 -7.45 -9.13
C ASP G 105 -23.45 -8.01 -9.69
N LYS G 106 -22.35 -7.92 -8.94
CA LYS G 106 -21.03 -8.40 -9.36
C LYS G 106 -21.10 -9.87 -9.79
N HIS G 107 -21.78 -10.69 -8.99
CA HIS G 107 -21.99 -12.11 -9.24
C HIS G 107 -22.84 -12.37 -10.45
N LEU G 108 -24.07 -11.84 -10.45
CA LEU G 108 -24.96 -12.00 -11.57
C LEU G 108 -24.23 -11.71 -12.87
N LYS G 109 -23.60 -10.57 -12.96
CA LYS G 109 -22.90 -10.13 -14.15
C LYS G 109 -21.79 -11.12 -14.61
N ARG G 110 -21.18 -11.77 -13.68
CA ARG G 110 -20.13 -12.72 -13.95
C ARG G 110 -20.74 -14.08 -14.41
N LYS G 111 -21.80 -14.51 -13.75
CA LYS G 111 -22.53 -15.73 -14.09
C LYS G 111 -23.03 -15.58 -15.53
N ALA G 112 -23.47 -14.37 -15.85
CA ALA G 112 -23.95 -14.05 -17.15
C ALA G 112 -22.82 -14.16 -18.17
N MET G 113 -21.78 -13.39 -18.00
CA MET G 113 -20.65 -13.36 -18.90
C MET G 113 -20.13 -14.78 -19.19
N THR G 114 -20.21 -15.64 -18.21
CA THR G 114 -19.77 -17.01 -18.38
C THR G 114 -20.69 -17.73 -19.36
N LYS G 115 -22.00 -17.65 -19.14
CA LYS G 115 -23.04 -18.20 -20.01
C LYS G 115 -22.86 -17.61 -21.42
N LYS G 116 -22.75 -16.29 -21.52
CA LYS G 116 -22.60 -15.64 -22.81
C LYS G 116 -21.43 -16.22 -23.60
N LYS G 117 -20.28 -16.36 -22.95
CA LYS G 117 -19.11 -16.91 -23.61
C LYS G 117 -19.40 -18.32 -24.08
N GLU G 118 -20.12 -19.11 -23.28
CA GLU G 118 -20.41 -20.53 -23.57
C GLU G 118 -21.17 -20.60 -24.84
N LEU G 119 -22.24 -19.80 -24.90
CA LEU G 119 -23.13 -19.80 -26.04
C LEU G 119 -22.40 -19.41 -27.29
N THR G 120 -21.52 -18.41 -27.20
CA THR G 120 -20.73 -18.02 -28.35
C THR G 120 -19.84 -19.16 -28.78
N LEU G 121 -19.22 -19.82 -27.84
CA LEU G 121 -18.38 -20.95 -28.18
C LEU G 121 -19.18 -22.02 -28.91
N LEU G 122 -20.46 -22.20 -28.55
CA LEU G 122 -21.33 -23.21 -29.19
C LEU G 122 -21.92 -22.67 -30.52
N GLY G 123 -21.43 -21.51 -30.95
CA GLY G 123 -21.86 -20.84 -32.17
C GLY G 123 -23.35 -20.60 -32.29
N LYS G 124 -23.94 -19.93 -31.30
CA LYS G 124 -25.37 -19.66 -31.28
C LYS G 124 -25.68 -18.49 -32.20
N PRO G 125 -26.64 -18.62 -33.09
CA PRO G 125 -27.00 -17.50 -33.98
C PRO G 125 -27.17 -16.14 -33.30
N LYS G 126 -26.75 -15.07 -33.99
CA LYS G 126 -26.92 -13.70 -33.51
C LYS G 126 -28.38 -13.31 -33.69
N ARG G 127 -28.88 -12.33 -32.94
CA ARG G 127 -30.29 -11.93 -33.02
C ARG G 127 -30.65 -11.30 -34.41
N PRO G 128 -31.94 -11.33 -34.85
CA PRO G 128 -32.27 -10.66 -36.10
C PRO G 128 -32.05 -9.17 -35.95
N ARG G 129 -31.45 -8.56 -36.98
CA ARG G 129 -31.17 -7.12 -37.04
C ARG G 129 -32.43 -6.40 -37.39
N SER G 130 -32.61 -5.22 -36.78
CA SER G 130 -33.76 -4.32 -37.01
C SER G 130 -33.44 -3.44 -38.20
N ALA G 131 -34.45 -2.80 -38.82
CA ALA G 131 -34.17 -1.90 -39.95
C ALA G 131 -33.15 -0.83 -39.53
N TYR G 132 -33.31 -0.38 -38.28
CA TYR G 132 -32.44 0.60 -37.70
C TYR G 132 -31.02 0.06 -37.61
N ASN G 133 -30.85 -1.22 -37.23
CA ASN G 133 -29.51 -1.83 -37.15
C ASN G 133 -28.84 -1.77 -38.53
N VAL G 134 -29.58 -2.16 -39.60
CA VAL G 134 -29.12 -2.19 -41.00
C VAL G 134 -28.66 -0.79 -41.43
N TYR G 135 -29.35 0.25 -40.95
CA TYR G 135 -29.01 1.64 -41.26
C TYR G 135 -27.70 2.04 -40.60
N VAL G 136 -27.54 1.86 -39.28
CA VAL G 136 -26.34 2.22 -38.53
C VAL G 136 -25.06 1.58 -39.17
N ALA G 137 -25.19 0.32 -39.68
CA ALA G 137 -24.11 -0.45 -40.32
C ALA G 137 -23.64 0.17 -41.67
N GLU G 138 -24.53 0.90 -42.37
CA GLU G 138 -24.23 1.49 -43.69
C GLU G 138 -24.11 3.03 -43.65
N ARG G 139 -24.29 3.66 -42.47
CA ARG G 139 -24.27 5.12 -42.34
C ARG G 139 -23.26 5.61 -41.27
N PHE G 140 -22.77 4.72 -40.38
CA PHE G 140 -21.87 5.12 -39.31
C PHE G 140 -20.51 5.72 -39.78
N GLN G 141 -19.83 5.08 -40.74
CA GLN G 141 -18.49 5.54 -41.13
C GLN G 141 -18.50 6.94 -41.77
N GLU G 142 -19.54 7.29 -42.52
CA GLU G 142 -19.64 8.58 -43.17
C GLU G 142 -20.44 9.60 -42.34
N ALA G 143 -20.77 9.29 -41.09
CA ALA G 143 -21.51 10.20 -40.22
C ALA G 143 -20.61 11.32 -39.71
N LYS G 144 -21.20 12.51 -39.46
CA LYS G 144 -20.47 13.67 -38.96
C LYS G 144 -20.32 13.59 -37.45
N GLY G 145 -19.07 13.65 -37.00
CA GLY G 145 -18.71 13.56 -35.59
C GLY G 145 -17.34 12.95 -35.39
N ASP G 146 -16.72 13.27 -34.24
CA ASP G 146 -15.38 12.78 -33.91
C ASP G 146 -15.45 11.42 -33.20
N SER G 147 -16.02 11.43 -31.96
CA SER G 147 -16.19 10.25 -31.11
C SER G 147 -17.30 9.35 -31.66
N PRO G 148 -17.22 8.01 -31.46
CA PRO G 148 -18.30 7.13 -31.94
C PRO G 148 -19.68 7.47 -31.34
N GLN G 149 -19.73 8.07 -30.12
CA GLN G 149 -20.97 8.50 -29.48
C GLN G 149 -21.60 9.66 -30.25
N GLU G 150 -20.75 10.61 -30.70
CA GLU G 150 -21.10 11.80 -31.45
C GLU G 150 -21.55 11.44 -32.86
N LYS G 151 -20.95 10.39 -33.45
CA LYS G 151 -21.30 9.88 -34.77
C LYS G 151 -22.71 9.23 -34.75
N LEU G 152 -23.03 8.47 -33.67
CA LEU G 152 -24.33 7.82 -33.47
C LEU G 152 -25.46 8.89 -33.35
N LYS G 153 -25.19 10.04 -32.69
CA LYS G 153 -26.12 11.17 -32.53
C LYS G 153 -26.61 11.63 -33.89
N THR G 154 -25.69 11.68 -34.87
CA THR G 154 -25.91 12.08 -36.26
C THR G 154 -26.78 11.01 -36.98
N VAL G 155 -26.41 9.71 -36.87
CA VAL G 155 -27.08 8.56 -37.49
C VAL G 155 -28.55 8.41 -36.94
N LYS G 156 -28.77 8.61 -35.60
CA LYS G 156 -30.09 8.47 -34.96
C LYS G 156 -31.03 9.60 -35.37
N GLU G 157 -30.46 10.81 -35.62
CA GLU G 157 -31.15 12.01 -36.08
C GLU G 157 -31.52 11.87 -37.57
N ASN G 158 -30.53 11.50 -38.42
N ASN G 158 -30.57 11.41 -38.43
CA ASN G 158 -30.71 11.29 -39.87
CA ASN G 158 -30.80 11.18 -39.87
C ASN G 158 -31.83 10.28 -40.12
C ASN G 158 -31.78 10.02 -40.13
N TRP G 159 -31.86 9.18 -39.34
N TRP G 159 -32.69 9.71 -39.16
CA TRP G 159 -32.89 8.11 -39.39
CA TRP G 159 -33.67 8.63 -39.23
C TRP G 159 -34.26 8.66 -38.99
C TRP G 159 -35.11 9.11 -38.79
N LYS G 160 -34.33 9.52 -37.95
N LYS G 160 -35.31 9.41 -37.49
CA LYS G 160 -35.56 10.11 -37.44
CA LYS G 160 -36.61 9.80 -36.90
C LYS G 160 -36.17 11.10 -38.43
C LYS G 160 -37.16 11.11 -37.49
N ASN G 161 -35.31 11.90 -39.10
N ASN G 161 -38.51 11.29 -37.56
CA ASN G 161 -35.73 12.89 -40.10
CA ASN G 161 -39.60 10.35 -37.19
C ASN G 161 -35.52 12.36 -41.53
C ASN G 161 -40.67 10.36 -38.29
N LEU G 162 -35.65 11.04 -41.71
N LEU G 162 -41.11 9.18 -38.73
CA LEU G 162 -35.50 10.37 -43.00
CA LEU G 162 -42.02 9.03 -39.86
C LEU G 162 -36.85 10.09 -43.65
C LEU G 162 -43.14 8.03 -39.64
N SER G 163 -36.80 9.47 -44.83
N SER G 163 -44.27 8.22 -40.35
CA SER G 163 -37.91 9.08 -45.69
CA SER G 163 -45.40 7.29 -40.34
C SER G 163 -38.64 7.86 -45.15
C SER G 163 -45.08 6.15 -41.31
N ASP G 164 -39.90 7.67 -45.59
N ASP G 164 -44.54 6.50 -42.51
CA ASP G 164 -40.69 6.49 -45.26
CA ASP G 164 -44.10 5.64 -43.61
C ASP G 164 -40.50 5.45 -46.37
C ASP G 164 -43.15 6.44 -44.50
N SER G 165 -39.86 5.87 -47.49
N SER G 165 -42.11 5.79 -45.11
CA SER G 165 -39.54 5.06 -48.67
CA SER G 165 -41.12 6.47 -45.97
C SER G 165 -38.07 4.61 -48.65
C SER G 165 -40.45 5.55 -47.02
N GLU G 166 -37.14 5.48 -48.17
N GLU G 166 -39.43 6.09 -47.75
CA GLU G 166 -35.70 5.14 -48.07
CA GLU G 166 -38.59 5.40 -48.75
C GLU G 166 -35.45 4.25 -46.87
C GLU G 166 -37.39 4.73 -48.04
N LYS G 167 -36.42 4.20 -45.92
N LYS G 167 -37.42 4.68 -46.69
CA LYS G 167 -36.40 3.32 -44.75
CA LYS G 167 -36.42 4.03 -45.84
C LYS G 167 -36.73 1.90 -45.19
C LYS G 167 -36.93 2.60 -45.49
N GLU G 168 -37.53 1.76 -46.29
N GLU G 168 -37.69 2.00 -46.45
CA GLU G 168 -37.94 0.48 -46.89
CA GLU G 168 -38.23 0.63 -46.45
C GLU G 168 -36.76 -0.21 -47.60
C GLU G 168 -37.28 -0.25 -47.29
N LEU G 169 -35.61 0.49 -47.71
N LEU G 169 -36.10 0.33 -47.63
CA LEU G 169 -34.35 -0.01 -48.24
CA LEU G 169 -34.96 -0.29 -48.31
C LEU G 169 -33.58 -0.72 -47.09
C LEU G 169 -34.12 -1.03 -47.25
N TYR G 170 -34.21 -0.75 -45.90
N TYR G 170 -34.38 -0.73 -45.97
CA TYR G 170 -33.68 -1.34 -44.66
CA TYR G 170 -33.75 -1.29 -44.78
C TYR G 170 -34.71 -2.29 -43.97
C TYR G 170 -34.70 -2.24 -44.01
N ILE G 171 -36.03 -2.14 -44.26
CA ILE G 171 -37.08 -3.01 -43.65
C ILE G 171 -37.20 -4.29 -44.54
N GLN G 172 -36.68 -4.24 -45.79
CA GLN G 172 -36.61 -5.39 -46.71
C GLN G 172 -35.31 -6.14 -46.48
N HIS G 173 -34.47 -5.59 -45.61
CA HIS G 173 -33.25 -6.23 -45.13
C HIS G 173 -33.61 -7.01 -43.85
N ALA G 174 -34.46 -6.37 -43.01
CA ALA G 174 -34.93 -6.83 -41.71
C ALA G 174 -35.74 -8.11 -41.82
N LYS G 175 -36.77 -8.17 -42.69
CA LYS G 175 -37.59 -9.37 -42.82
C LYS G 175 -36.78 -10.52 -43.37
N GLU G 176 -35.75 -10.21 -44.20
CA GLU G 176 -34.87 -11.22 -44.78
C GLU G 176 -34.02 -11.86 -43.67
N ASP G 177 -33.44 -11.00 -42.80
CA ASP G 177 -32.62 -11.40 -41.66
C ASP G 177 -33.45 -12.06 -40.57
N GLU G 178 -34.73 -11.72 -40.46
CA GLU G 178 -35.63 -12.34 -39.50
C GLU G 178 -35.90 -13.78 -39.93
N THR G 179 -35.81 -14.04 -41.23
CA THR G 179 -35.98 -15.37 -41.74
C THR G 179 -34.67 -16.09 -41.48
N ARG G 180 -33.52 -15.41 -41.72
CA ARG G 180 -32.18 -15.95 -41.48
C ARG G 180 -32.03 -16.46 -40.06
N TYR G 181 -32.41 -15.61 -39.07
CA TYR G 181 -32.41 -15.94 -37.66
C TYR G 181 -33.25 -17.17 -37.43
N HIS G 182 -34.52 -17.16 -37.90
CA HIS G 182 -35.41 -18.28 -37.72
C HIS G 182 -34.75 -19.58 -38.20
N ASN G 183 -34.14 -19.52 -39.40
CA ASN G 183 -33.47 -20.65 -40.03
C ASN G 183 -32.22 -21.10 -39.26
N GLU G 184 -31.28 -20.15 -38.98
CA GLU G 184 -30.06 -20.44 -38.21
C GLU G 184 -30.41 -21.03 -36.84
N MET G 185 -31.47 -20.51 -36.17
CA MET G 185 -31.94 -21.05 -34.90
C MET G 185 -32.50 -22.48 -35.00
N LYS G 186 -33.18 -22.80 -36.10
CA LYS G 186 -33.78 -24.12 -36.29
C LYS G 186 -32.68 -25.17 -36.37
N SER G 187 -31.59 -24.86 -37.09
CA SER G 187 -30.42 -25.70 -37.28
C SER G 187 -29.65 -25.86 -36.01
N TRP G 188 -29.34 -24.70 -35.36
CA TRP G 188 -28.58 -24.67 -34.11
C TRP G 188 -29.27 -25.47 -33.01
N GLU G 189 -30.61 -25.27 -32.77
CA GLU G 189 -31.31 -26.05 -31.76
C GLU G 189 -31.28 -27.55 -32.10
N GLU G 190 -31.34 -27.91 -33.41
CA GLU G 190 -31.18 -29.29 -33.85
C GLU G 190 -29.84 -29.90 -33.37
N GLN G 191 -28.71 -29.19 -33.58
CA GLN G 191 -27.38 -29.66 -33.12
C GLN G 191 -27.30 -29.74 -31.58
N MET G 192 -27.94 -28.74 -30.88
CA MET G 192 -27.92 -28.70 -29.43
C MET G 192 -28.60 -29.94 -28.86
N ILE G 193 -29.81 -30.29 -29.38
CA ILE G 193 -30.44 -31.51 -28.92
C ILE G 193 -29.44 -32.67 -29.10
N GLU G 194 -28.90 -32.78 -30.34
CA GLU G 194 -27.94 -33.78 -30.77
C GLU G 194 -26.72 -33.88 -29.89
N VAL G 195 -26.31 -32.78 -29.26
CA VAL G 195 -25.09 -32.88 -28.44
C VAL G 195 -25.50 -32.90 -26.96
N GLY G 196 -26.75 -33.26 -26.71
CA GLY G 196 -27.37 -33.32 -25.38
C GLY G 196 -27.45 -32.01 -24.64
N ARG G 197 -27.93 -30.98 -25.29
CA ARG G 197 -28.03 -29.67 -24.69
C ARG G 197 -29.38 -29.06 -25.02
N LYS G 198 -30.45 -29.85 -24.86
CA LYS G 198 -31.81 -29.31 -25.06
C LYS G 198 -32.08 -28.27 -24.04
N ASP G 199 -31.26 -28.22 -22.98
CA ASP G 199 -31.45 -27.19 -21.99
C ASP G 199 -31.23 -25.77 -22.65
N LEU G 200 -30.68 -25.72 -23.89
CA LEU G 200 -30.30 -24.46 -24.48
C LEU G 200 -31.34 -23.94 -25.43
N LEU G 201 -32.44 -24.72 -25.55
CA LEU G 201 -33.60 -24.44 -26.40
C LEU G 201 -34.54 -23.44 -25.79
N ARG G 202 -35.26 -22.72 -26.65
CA ARG G 202 -36.24 -21.71 -26.25
C ARG G 202 -37.40 -22.40 -25.71
N ARG G 203 -37.87 -21.91 -24.54
CA ARG G 203 -39.00 -22.50 -23.84
C ARG G 203 -40.22 -21.97 -24.51
N THR G 204 -40.12 -20.69 -24.95
CA THR G 204 -41.08 -19.85 -25.67
C THR G 204 -41.78 -18.97 -24.67
N SER J 14 -41.79 -6.16 4.91
CA SER J 14 -41.74 -6.43 3.46
C SER J 14 -42.57 -5.45 2.64
N VAL J 15 -41.81 -4.59 1.92
CA VAL J 15 -42.26 -3.56 0.98
C VAL J 15 -43.03 -4.26 -0.13
N LEU J 16 -42.45 -5.37 -0.62
CA LEU J 16 -42.96 -6.23 -1.67
C LEU J 16 -44.34 -6.79 -1.40
N ALA J 17 -44.66 -7.11 -0.14
CA ALA J 17 -45.99 -7.62 0.22
C ALA J 17 -47.12 -6.60 -0.08
N SER J 18 -46.88 -5.31 0.25
CA SER J 18 -47.88 -4.26 0.07
C SER J 18 -47.80 -3.62 -1.34
N CYS J 19 -46.77 -3.99 -2.13
CA CYS J 19 -46.64 -3.52 -3.50
C CYS J 19 -47.81 -4.03 -4.37
N PRO J 20 -48.51 -3.15 -5.13
CA PRO J 20 -49.68 -3.65 -5.91
C PRO J 20 -49.23 -4.68 -6.97
N LYS J 21 -50.08 -5.71 -7.17
CA LYS J 21 -49.79 -6.75 -8.16
C LYS J 21 -50.45 -6.44 -9.50
N LYS J 22 -49.86 -6.99 -10.55
CA LYS J 22 -50.33 -6.85 -11.91
C LYS J 22 -51.75 -7.40 -12.11
N PRO J 23 -52.56 -6.68 -12.95
CA PRO J 23 -53.90 -7.22 -13.29
C PRO J 23 -53.71 -8.43 -14.20
N VAL J 24 -54.68 -9.34 -14.15
CA VAL J 24 -54.62 -10.55 -14.96
C VAL J 24 -54.99 -10.22 -16.43
N SER J 25 -54.15 -10.72 -17.35
CA SER J 25 -54.34 -10.63 -18.79
C SER J 25 -55.49 -11.58 -19.14
N SER J 26 -55.90 -11.59 -20.43
CA SER J 26 -57.07 -12.28 -20.99
C SER J 26 -57.23 -13.75 -20.56
N TYR J 27 -56.25 -14.62 -20.87
CA TYR J 27 -56.40 -16.03 -20.52
C TYR J 27 -56.55 -16.21 -19.00
N LEU J 28 -55.64 -15.68 -18.14
CA LEU J 28 -55.84 -15.87 -16.69
C LEU J 28 -57.19 -15.26 -16.24
N ARG J 29 -57.55 -14.12 -16.80
CA ARG J 29 -58.84 -13.48 -16.52
C ARG J 29 -60.01 -14.44 -16.84
N PHE J 30 -59.90 -15.27 -17.94
CA PHE J 30 -60.82 -16.31 -18.39
C PHE J 30 -60.71 -17.53 -17.45
N SER J 31 -59.49 -18.07 -17.28
CA SER J 31 -59.24 -19.20 -16.41
C SER J 31 -59.83 -19.02 -15.03
N LYS J 32 -59.64 -17.86 -14.42
CA LYS J 32 -60.16 -17.55 -13.08
C LYS J 32 -61.71 -17.63 -13.05
N GLU J 33 -62.35 -17.12 -14.08
CA GLU J 33 -63.79 -17.06 -14.23
C GLU J 33 -64.45 -18.43 -14.48
N GLN J 34 -63.70 -19.33 -15.16
CA GLN J 34 -64.14 -20.62 -15.65
C GLN J 34 -63.92 -21.76 -14.68
N LEU J 35 -62.80 -21.73 -13.96
CA LEU J 35 -62.42 -22.79 -13.03
C LEU J 35 -63.61 -23.19 -12.12
N PRO J 36 -64.32 -22.27 -11.43
CA PRO J 36 -65.49 -22.68 -10.63
C PRO J 36 -66.57 -23.42 -11.46
N ILE J 37 -66.94 -22.85 -12.61
CA ILE J 37 -67.91 -23.41 -13.53
C ILE J 37 -67.50 -24.84 -13.97
N PHE J 38 -66.21 -25.08 -14.23
CA PHE J 38 -65.78 -26.42 -14.64
C PHE J 38 -65.71 -27.36 -13.45
N LYS J 39 -65.23 -26.86 -12.27
CA LYS J 39 -65.09 -27.63 -11.05
C LYS J 39 -66.47 -28.13 -10.60
N ALA J 40 -67.49 -27.28 -10.74
CA ALA J 40 -68.88 -27.63 -10.41
C ALA J 40 -69.37 -28.79 -11.26
N GLN J 41 -69.07 -28.76 -12.57
CA GLN J 41 -69.52 -29.77 -13.50
C GLN J 41 -68.67 -31.03 -13.52
N ASN J 42 -67.53 -31.05 -12.81
CA ASN J 42 -66.64 -32.23 -12.73
C ASN J 42 -65.94 -32.23 -11.36
N PRO J 43 -66.65 -32.51 -10.23
CA PRO J 43 -66.01 -32.34 -8.91
C PRO J 43 -64.99 -33.42 -8.58
N ASP J 44 -64.95 -34.52 -9.36
CA ASP J 44 -63.99 -35.59 -9.10
C ASP J 44 -62.72 -35.42 -9.93
N ALA J 45 -62.75 -34.50 -10.91
CA ALA J 45 -61.62 -34.15 -11.77
C ALA J 45 -60.56 -33.36 -11.01
N LYS J 46 -59.28 -33.60 -11.40
CA LYS J 46 -58.13 -32.90 -10.84
C LYS J 46 -58.12 -31.50 -11.43
N THR J 47 -57.66 -30.50 -10.64
CA THR J 47 -57.55 -29.11 -11.08
C THR J 47 -56.79 -29.08 -12.40
N THR J 48 -55.63 -29.80 -12.46
CA THR J 48 -54.76 -29.89 -13.64
C THR J 48 -55.54 -30.23 -14.92
N GLU J 49 -56.50 -31.17 -14.85
CA GLU J 49 -57.21 -31.54 -16.08
C GLU J 49 -58.17 -30.46 -16.44
N LEU J 50 -58.86 -29.87 -15.45
CA LEU J 50 -59.78 -28.76 -15.68
C LEU J 50 -59.06 -27.57 -16.36
N ILE J 51 -57.81 -27.28 -15.92
CA ILE J 51 -56.99 -26.23 -16.51
C ILE J 51 -56.63 -26.56 -17.94
N ARG J 52 -56.30 -27.83 -18.24
CA ARG J 52 -56.05 -28.26 -19.63
C ARG J 52 -57.29 -27.99 -20.51
N ARG J 53 -58.49 -28.32 -19.99
CA ARG J 53 -59.76 -28.12 -20.67
C ARG J 53 -60.10 -26.63 -20.81
N ILE J 54 -59.77 -25.83 -19.75
CA ILE J 54 -60.08 -24.41 -19.75
C ILE J 54 -59.25 -23.72 -20.84
N ALA J 55 -57.94 -24.10 -20.97
CA ALA J 55 -57.02 -23.59 -22.00
C ALA J 55 -57.52 -23.95 -23.38
N GLN J 56 -58.00 -25.20 -23.54
CA GLN J 56 -58.57 -25.73 -24.77
C GLN J 56 -59.68 -24.83 -25.25
N ARG J 57 -60.68 -24.55 -24.35
CA ARG J 57 -61.81 -23.68 -24.66
C ARG J 57 -61.31 -22.31 -25.05
N TRP J 58 -60.23 -21.82 -24.34
CA TRP J 58 -59.63 -20.54 -24.62
C TRP J 58 -59.17 -20.50 -26.08
N ARG J 59 -58.27 -21.45 -26.45
CA ARG J 59 -57.75 -21.60 -27.81
C ARG J 59 -58.87 -21.60 -28.83
N GLU J 60 -60.01 -22.31 -28.57
CA GLU J 60 -61.20 -22.43 -29.44
C GLU J 60 -62.10 -21.18 -29.50
N LEU J 61 -61.93 -20.29 -28.56
CA LEU J 61 -62.78 -19.11 -28.44
C LEU J 61 -62.50 -18.07 -29.61
N PRO J 62 -63.52 -17.42 -30.20
CA PRO J 62 -63.24 -16.41 -31.25
C PRO J 62 -62.45 -15.22 -30.73
N ASP J 63 -61.66 -14.62 -31.63
CA ASP J 63 -60.85 -13.47 -31.35
C ASP J 63 -61.67 -12.34 -30.81
N SER J 64 -62.87 -12.13 -31.33
CA SER J 64 -63.79 -11.08 -30.89
C SER J 64 -64.15 -11.27 -29.42
N LYS J 65 -64.30 -12.55 -28.99
CA LYS J 65 -64.63 -12.87 -27.61
C LYS J 65 -63.40 -12.69 -26.74
N LYS J 66 -62.25 -13.23 -27.19
CA LYS J 66 -60.97 -13.01 -26.50
C LYS J 66 -60.74 -11.52 -26.20
N LYS J 67 -60.90 -10.64 -27.22
CA LYS J 67 -60.71 -9.20 -27.09
C LYS J 67 -61.46 -8.62 -25.88
N ILE J 68 -62.67 -9.13 -25.56
CA ILE J 68 -63.40 -8.58 -24.41
C ILE J 68 -62.57 -8.74 -23.12
N TYR J 69 -61.96 -9.92 -22.89
CA TYR J 69 -61.09 -10.09 -21.75
C TYR J 69 -59.90 -9.14 -21.84
N GLN J 70 -59.31 -8.99 -23.04
CA GLN J 70 -58.14 -8.13 -23.27
C GLN J 70 -58.47 -6.67 -22.94
N ASP J 71 -59.62 -6.22 -23.40
CA ASP J 71 -60.06 -4.86 -23.19
C ASP J 71 -60.16 -4.60 -21.69
N ALA J 72 -60.60 -5.58 -20.91
CA ALA J 72 -60.72 -5.43 -19.47
C ALA J 72 -59.37 -5.35 -18.84
N TYR J 73 -58.38 -6.13 -19.34
CA TYR J 73 -57.00 -6.15 -18.86
C TYR J 73 -56.39 -4.82 -19.10
N ARG J 74 -56.58 -4.29 -20.32
CA ARG J 74 -55.98 -3.03 -20.70
C ARG J 74 -56.49 -1.94 -19.80
N ALA J 75 -57.80 -1.89 -19.56
CA ALA J 75 -58.40 -0.92 -18.65
C ALA J 75 -57.87 -1.08 -17.23
N GLU J 76 -57.76 -2.31 -16.75
CA GLU J 76 -57.20 -2.51 -15.40
C GLU J 76 -55.74 -2.13 -15.32
N TRP J 77 -54.97 -2.27 -16.43
CA TRP J 77 -53.59 -1.85 -16.45
C TRP J 77 -53.48 -0.38 -16.05
N GLN J 78 -54.42 0.46 -16.56
CA GLN J 78 -54.37 1.88 -16.27
C GLN J 78 -54.62 2.17 -14.79
N VAL J 79 -55.43 1.32 -14.12
CA VAL J 79 -55.67 1.47 -12.69
C VAL J 79 -54.39 1.06 -11.98
N TYR J 80 -53.73 -0.05 -12.47
CA TYR J 80 -52.49 -0.57 -11.89
C TYR J 80 -51.42 0.52 -11.92
N LYS J 81 -51.17 1.09 -13.15
CA LYS J 81 -50.23 2.19 -13.34
C LYS J 81 -50.39 3.20 -12.27
N GLU J 82 -51.63 3.65 -12.10
CA GLU J 82 -52.01 4.69 -11.17
C GLU J 82 -51.70 4.30 -9.74
N GLU J 83 -52.03 3.08 -9.34
CA GLU J 83 -51.82 2.60 -7.99
C GLU J 83 -50.36 2.46 -7.66
N ILE J 84 -49.62 1.72 -8.54
CA ILE J 84 -48.18 1.45 -8.43
C ILE J 84 -47.40 2.77 -8.37
N SER J 85 -47.76 3.75 -9.26
CA SER J 85 -47.16 5.07 -9.32
C SER J 85 -47.30 5.74 -7.97
N ARG J 86 -48.56 5.79 -7.47
CA ARG J 86 -48.91 6.39 -6.21
C ARG J 86 -48.17 5.70 -5.03
N PHE J 87 -48.01 4.39 -5.09
CA PHE J 87 -47.32 3.60 -4.08
C PHE J 87 -45.86 4.01 -3.95
N LYS J 88 -45.11 3.93 -5.07
CA LYS J 88 -43.67 4.20 -5.19
C LYS J 88 -43.36 5.64 -4.86
N GLU J 89 -44.30 6.56 -5.19
CA GLU J 89 -44.10 7.98 -4.89
C GLU J 89 -44.08 8.20 -3.35
N GLN J 90 -44.91 7.46 -2.63
CA GLN J 90 -45.04 7.53 -1.19
C GLN J 90 -43.92 6.82 -0.42
N LEU J 91 -43.08 6.02 -1.09
CA LEU J 91 -41.96 5.32 -0.45
C LEU J 91 -40.68 6.16 -0.31
N THR J 92 -39.96 5.95 0.79
CA THR J 92 -38.69 6.60 1.10
C THR J 92 -37.61 5.90 0.35
N PRO J 93 -36.43 6.54 0.12
CA PRO J 93 -35.36 5.87 -0.63
C PRO J 93 -34.97 4.52 -0.09
N SER J 94 -34.83 4.44 1.24
CA SER J 94 -34.46 3.21 1.93
C SER J 94 -35.49 2.10 1.73
N GLN J 95 -36.75 2.45 1.47
CA GLN J 95 -37.81 1.49 1.28
C GLN J 95 -37.76 0.97 -0.11
N ILE J 96 -37.40 1.85 -1.06
CA ILE J 96 -37.21 1.51 -2.48
C ILE J 96 -36.03 0.50 -2.56
N MET J 97 -34.94 0.80 -1.87
CA MET J 97 -33.85 -0.10 -1.88
C MET J 97 -34.22 -1.48 -1.29
N SER J 98 -35.02 -1.56 -0.21
CA SER J 98 -35.38 -2.88 0.32
C SER J 98 -36.21 -3.59 -0.71
N LEU J 99 -37.03 -2.82 -1.46
CA LEU J 99 -37.88 -3.39 -2.49
C LEU J 99 -37.02 -3.99 -3.57
N GLU J 100 -36.09 -3.24 -4.11
CA GLU J 100 -35.12 -3.75 -5.11
C GLU J 100 -34.35 -5.00 -4.59
N LYS J 101 -33.84 -4.93 -3.35
CA LYS J 101 -33.12 -6.06 -2.75
C LYS J 101 -34.05 -7.26 -2.55
N GLU J 102 -35.30 -7.02 -2.13
CA GLU J 102 -36.23 -8.13 -1.97
C GLU J 102 -36.42 -8.90 -3.26
N ILE J 103 -36.44 -8.17 -4.39
CA ILE J 103 -36.62 -8.73 -5.73
C ILE J 103 -35.37 -9.53 -6.10
N MET J 104 -34.19 -8.93 -5.95
CA MET J 104 -32.94 -9.61 -6.23
C MET J 104 -32.86 -10.93 -5.48
N ASP J 105 -33.25 -10.93 -4.20
CA ASP J 105 -33.19 -12.12 -3.39
C ASP J 105 -34.13 -13.17 -3.97
N LYS J 106 -35.32 -12.75 -4.39
CA LYS J 106 -36.35 -13.62 -4.99
C LYS J 106 -35.76 -14.39 -6.17
N HIS J 107 -35.04 -13.69 -7.07
CA HIS J 107 -34.36 -14.25 -8.23
C HIS J 107 -33.26 -15.23 -7.85
N LEU J 108 -32.26 -14.79 -7.08
CA LEU J 108 -31.21 -15.67 -6.63
C LEU J 108 -31.78 -16.97 -6.12
N LYS J 109 -32.70 -16.90 -5.16
CA LYS J 109 -33.33 -18.08 -4.54
C LYS J 109 -33.91 -19.02 -5.58
N ARG J 110 -34.48 -18.48 -6.64
CA ARG J 110 -35.04 -19.30 -7.71
C ARG J 110 -33.94 -19.94 -8.54
N LYS J 111 -32.99 -19.14 -9.01
CA LYS J 111 -31.85 -19.59 -9.81
C LYS J 111 -31.13 -20.74 -9.07
N ALA J 112 -30.93 -20.53 -7.75
CA ALA J 112 -30.34 -21.46 -6.81
C ALA J 112 -31.07 -22.78 -6.78
N MET J 113 -32.38 -22.78 -6.52
CA MET J 113 -33.12 -24.03 -6.41
C MET J 113 -33.23 -24.80 -7.74
N THR J 114 -33.15 -24.09 -8.90
CA THR J 114 -33.33 -24.82 -10.15
C THR J 114 -32.02 -25.50 -10.48
N LYS J 115 -30.86 -24.82 -10.27
CA LYS J 115 -29.55 -25.48 -10.40
C LYS J 115 -29.56 -26.79 -9.54
N LYS J 116 -29.98 -26.68 -8.27
CA LYS J 116 -30.03 -27.85 -7.41
C LYS J 116 -30.91 -28.96 -8.02
N LYS J 117 -32.09 -28.60 -8.52
CA LYS J 117 -32.98 -29.58 -9.16
C LYS J 117 -32.29 -30.20 -10.37
N GLU J 118 -31.55 -29.38 -11.14
CA GLU J 118 -30.88 -29.83 -12.35
C GLU J 118 -29.90 -30.93 -12.02
N LEU J 119 -29.04 -30.63 -11.03
CA LEU J 119 -28.00 -31.55 -10.62
C LEU J 119 -28.60 -32.86 -10.18
N THR J 120 -29.71 -32.80 -9.43
CA THR J 120 -30.38 -34.02 -8.99
C THR J 120 -30.82 -34.80 -10.17
N LEU J 121 -31.45 -34.13 -11.13
CA LEU J 121 -31.88 -34.78 -12.35
C LEU J 121 -30.69 -35.47 -13.08
N LEU J 122 -29.51 -34.85 -13.06
CA LEU J 122 -28.34 -35.45 -13.69
C LEU J 122 -27.64 -36.48 -12.78
N GLY J 123 -28.29 -36.83 -11.68
CA GLY J 123 -27.79 -37.81 -10.71
C GLY J 123 -26.37 -37.60 -10.21
N LYS J 124 -26.11 -36.41 -9.65
CA LYS J 124 -24.78 -36.09 -9.15
C LYS J 124 -24.49 -36.79 -7.82
N PRO J 125 -23.34 -37.42 -7.66
CA PRO J 125 -23.04 -38.10 -6.36
C PRO J 125 -23.28 -37.26 -5.12
N LYS J 126 -23.71 -37.90 -4.02
CA LYS J 126 -23.90 -37.23 -2.72
C LYS J 126 -22.57 -37.02 -2.06
N ARG J 127 -22.46 -36.05 -1.18
CA ARG J 127 -21.15 -35.74 -0.57
C ARG J 127 -20.58 -36.94 0.31
N PRO J 128 -19.25 -37.03 0.56
CA PRO J 128 -18.79 -38.08 1.45
C PRO J 128 -19.31 -37.83 2.84
N ARG J 129 -19.77 -38.89 3.51
CA ARG J 129 -20.29 -38.84 4.87
C ARG J 129 -19.13 -38.77 5.82
N SER J 130 -19.27 -37.95 6.86
CA SER J 130 -18.25 -37.77 7.90
C SER J 130 -18.40 -38.89 8.91
N ALA J 131 -17.37 -39.13 9.78
CA ALA J 131 -17.47 -40.16 10.82
C ALA J 131 -18.70 -39.88 11.64
N TYR J 132 -18.96 -38.59 11.93
CA TYR J 132 -20.10 -38.13 12.68
C TYR J 132 -21.38 -38.49 11.98
N ASN J 133 -21.45 -38.32 10.65
CA ASN J 133 -22.64 -38.71 9.88
C ASN J 133 -22.91 -40.21 10.04
N VAL J 134 -21.88 -41.06 9.83
CA VAL J 134 -21.95 -42.51 9.93
C VAL J 134 -22.51 -42.89 11.29
N TYR J 135 -22.07 -42.19 12.34
CA TYR J 135 -22.48 -42.42 13.71
C TYR J 135 -23.98 -42.13 13.88
N VAL J 136 -24.45 -40.95 13.48
CA VAL J 136 -25.85 -40.60 13.59
C VAL J 136 -26.70 -41.42 12.55
N ALA J 137 -26.09 -42.20 11.67
CA ALA J 137 -26.81 -43.06 10.72
C ALA J 137 -27.11 -44.45 11.28
N GLU J 138 -26.42 -44.84 12.38
CA GLU J 138 -26.60 -46.15 13.01
C GLU J 138 -27.19 -46.03 14.39
N ARG J 139 -26.78 -44.99 15.12
CA ARG J 139 -27.16 -44.77 16.50
C ARG J 139 -28.49 -44.01 16.66
N PHE J 140 -29.03 -43.32 15.61
CA PHE J 140 -30.29 -42.55 15.72
C PHE J 140 -31.50 -43.41 16.08
N GLN J 141 -31.70 -44.60 15.44
CA GLN J 141 -32.87 -45.45 15.67
C GLN J 141 -33.11 -45.75 17.17
N GLU J 142 -32.06 -46.13 17.88
CA GLU J 142 -32.15 -46.50 19.28
C GLU J 142 -31.83 -45.34 20.22
N ALA J 143 -31.98 -44.11 19.76
CA ALA J 143 -31.66 -42.98 20.61
C ALA J 143 -32.78 -42.60 21.56
N LYS J 144 -32.40 -42.07 22.72
CA LYS J 144 -33.34 -41.61 23.72
C LYS J 144 -33.90 -40.26 23.28
N GLY J 145 -35.21 -40.18 23.20
CA GLY J 145 -35.92 -38.96 22.83
C GLY J 145 -37.21 -39.22 22.10
N ASP J 146 -38.14 -38.26 22.18
CA ASP J 146 -39.44 -38.35 21.52
C ASP J 146 -39.36 -37.76 20.11
N SER J 147 -39.11 -36.44 20.01
CA SER J 147 -38.97 -35.72 18.74
C SER J 147 -37.64 -36.03 18.06
N PRO J 148 -37.56 -36.04 16.70
CA PRO J 148 -36.26 -36.31 16.05
C PRO J 148 -35.17 -35.29 16.44
N GLN J 149 -35.54 -34.06 16.85
CA GLN J 149 -34.59 -33.05 17.30
C GLN J 149 -33.95 -33.44 18.63
N GLU J 150 -34.72 -33.94 19.61
CA GLU J 150 -34.10 -34.27 20.89
C GLU J 150 -33.37 -35.62 20.79
N LYS J 151 -33.81 -36.52 19.87
CA LYS J 151 -33.11 -37.79 19.60
C LYS J 151 -31.68 -37.48 19.08
N LEU J 152 -31.54 -36.43 18.25
CA LEU J 152 -30.25 -36.01 17.74
C LEU J 152 -29.42 -35.50 18.91
N LYS J 153 -30.04 -34.80 19.86
CA LYS J 153 -29.35 -34.26 21.04
C LYS J 153 -28.65 -35.37 21.79
N THR J 154 -29.32 -36.55 21.97
CA THR J 154 -28.66 -37.66 22.69
C THR J 154 -27.52 -38.23 21.85
N VAL J 155 -27.72 -38.40 20.52
CA VAL J 155 -26.69 -38.91 19.60
C VAL J 155 -25.49 -37.92 19.56
N LYS J 156 -25.74 -36.61 19.71
CA LYS J 156 -24.71 -35.58 19.80
C LYS J 156 -23.98 -35.78 21.13
N GLU J 157 -24.75 -36.01 22.20
CA GLU J 157 -24.21 -36.18 23.54
C GLU J 157 -23.27 -37.38 23.59
N ASN J 158 -23.75 -38.56 23.15
CA ASN J 158 -22.96 -39.79 23.05
C ASN J 158 -21.72 -39.63 22.13
N TRP J 159 -21.81 -38.88 21.00
CA TRP J 159 -20.65 -38.67 20.15
C TRP J 159 -19.56 -37.85 20.85
N LYS J 160 -19.94 -36.79 21.60
CA LYS J 160 -18.91 -35.95 22.20
C LYS J 160 -18.18 -36.65 23.37
N ASN J 161 -18.89 -37.58 24.06
CA ASN J 161 -18.32 -38.33 25.19
C ASN J 161 -17.80 -39.71 24.76
N LEU J 162 -17.37 -39.83 23.49
CA LEU J 162 -16.82 -41.04 22.90
C LEU J 162 -15.29 -40.88 22.81
N SER J 163 -14.54 -41.96 23.13
CA SER J 163 -13.07 -41.94 23.04
C SER J 163 -12.63 -42.09 21.59
N ASP J 164 -11.35 -41.77 21.30
CA ASP J 164 -10.75 -41.87 19.96
C ASP J 164 -10.73 -43.32 19.49
N SER J 165 -10.59 -44.26 20.44
CA SER J 165 -10.60 -45.68 20.19
C SER J 165 -11.96 -46.11 19.64
N GLU J 166 -13.02 -45.60 20.26
CA GLU J 166 -14.39 -45.91 19.93
C GLU J 166 -14.82 -45.30 18.59
N LYS J 167 -14.40 -44.03 18.33
CA LYS J 167 -14.67 -43.32 17.05
C LYS J 167 -14.06 -44.06 15.87
N GLU J 168 -12.97 -44.75 16.09
CA GLU J 168 -12.15 -45.44 15.10
C GLU J 168 -12.93 -46.20 14.04
N LEU J 169 -14.10 -46.78 14.39
CA LEU J 169 -14.91 -47.52 13.42
C LEU J 169 -15.53 -46.58 12.38
N TYR J 170 -16.21 -45.54 12.88
CA TYR J 170 -16.79 -44.46 12.10
C TYR J 170 -15.71 -43.75 11.26
N ILE J 171 -14.49 -43.69 11.79
CA ILE J 171 -13.38 -43.10 11.07
C ILE J 171 -13.13 -43.94 9.83
N GLN J 172 -13.17 -45.27 9.93
CA GLN J 172 -12.93 -46.11 8.76
C GLN J 172 -14.10 -46.12 7.83
N HIS J 173 -15.32 -46.00 8.37
CA HIS J 173 -16.48 -45.97 7.50
C HIS J 173 -16.52 -44.68 6.70
N ALA J 174 -16.16 -43.55 7.34
CA ALA J 174 -16.03 -42.24 6.69
C ALA J 174 -14.88 -42.27 5.69
N LYS J 175 -13.86 -43.08 5.92
CA LYS J 175 -12.73 -43.21 5.01
C LYS J 175 -13.11 -43.95 3.76
N GLU J 176 -13.92 -45.02 3.91
CA GLU J 176 -14.32 -45.89 2.79
C GLU J 176 -15.26 -45.13 1.83
N ASP J 177 -16.16 -44.33 2.41
CA ASP J 177 -17.12 -43.50 1.70
C ASP J 177 -16.43 -42.32 1.01
N GLU J 178 -15.29 -41.85 1.54
CA GLU J 178 -14.50 -40.80 0.91
C GLU J 178 -13.91 -41.32 -0.41
N THR J 179 -13.65 -42.63 -0.45
CA THR J 179 -13.15 -43.29 -1.64
C THR J 179 -14.32 -43.44 -2.61
N ARG J 180 -15.50 -43.86 -2.09
CA ARG J 180 -16.75 -43.99 -2.85
C ARG J 180 -17.09 -42.70 -3.61
N TYR J 181 -17.09 -41.57 -2.88
CA TYR J 181 -17.32 -40.23 -3.42
C TYR J 181 -16.34 -39.97 -4.53
N HIS J 182 -15.05 -40.12 -4.25
CA HIS J 182 -14.01 -39.88 -5.23
C HIS J 182 -14.30 -40.65 -6.53
N ASN J 183 -14.66 -41.94 -6.39
CA ASN J 183 -14.97 -42.85 -7.50
C ASN J 183 -16.23 -42.44 -8.26
N GLU J 184 -17.37 -42.27 -7.53
CA GLU J 184 -18.64 -41.84 -8.12
C GLU J 184 -18.46 -40.50 -8.89
N MET J 185 -17.72 -39.55 -8.30
CA MET J 185 -17.41 -38.26 -8.92
C MET J 185 -16.57 -38.38 -10.17
N LYS J 186 -15.57 -39.28 -10.20
CA LYS J 186 -14.71 -39.45 -11.35
C LYS J 186 -15.57 -39.85 -12.57
N SER J 187 -16.50 -40.83 -12.37
CA SER J 187 -17.42 -41.36 -13.39
C SER J 187 -18.42 -40.30 -13.87
N TRP J 188 -19.08 -39.66 -12.90
CA TRP J 188 -20.09 -38.66 -13.17
C TRP J 188 -19.51 -37.46 -13.93
N GLU J 189 -18.35 -36.89 -13.49
CA GLU J 189 -17.65 -35.77 -14.15
C GLU J 189 -17.20 -36.15 -15.56
N GLU J 190 -16.87 -37.45 -15.77
CA GLU J 190 -16.48 -37.99 -17.07
C GLU J 190 -17.67 -37.93 -18.02
N GLN J 191 -18.81 -38.48 -17.54
CA GLN J 191 -20.10 -38.55 -18.22
C GLN J 191 -20.65 -37.15 -18.58
N MET J 192 -20.40 -36.20 -17.69
CA MET J 192 -20.78 -34.79 -17.84
C MET J 192 -19.99 -34.09 -18.99
N ILE J 193 -18.82 -34.65 -19.38
CA ILE J 193 -18.01 -34.14 -20.47
C ILE J 193 -18.60 -34.73 -21.78
N GLU J 194 -18.99 -36.03 -21.71
CA GLU J 194 -19.59 -36.83 -22.80
C GLU J 194 -21.05 -36.43 -23.11
N VAL J 195 -21.57 -35.39 -22.43
CA VAL J 195 -22.89 -34.78 -22.64
C VAL J 195 -22.70 -33.27 -22.79
N GLY J 196 -21.43 -32.82 -22.76
CA GLY J 196 -21.01 -31.44 -22.96
C GLY J 196 -21.41 -30.49 -21.86
N ARG J 197 -21.17 -30.92 -20.60
CA ARG J 197 -21.48 -30.19 -19.38
C ARG J 197 -20.23 -30.07 -18.48
N LYS J 198 -19.12 -29.57 -19.06
CA LYS J 198 -17.87 -29.34 -18.34
C LYS J 198 -17.96 -28.11 -17.39
N ASP J 199 -19.09 -27.37 -17.46
CA ASP J 199 -19.42 -26.28 -16.54
C ASP J 199 -19.60 -26.88 -15.14
N LEU J 200 -20.25 -28.11 -15.12
CA LEU J 200 -20.61 -28.87 -13.94
C LEU J 200 -19.38 -29.45 -13.17
N LEU J 201 -18.17 -29.26 -13.73
CA LEU J 201 -16.94 -29.80 -13.17
C LEU J 201 -16.35 -28.94 -12.08
N ARG J 202 -15.57 -29.58 -11.19
CA ARG J 202 -14.91 -28.92 -10.09
C ARG J 202 -13.75 -28.20 -10.59
N ARG J 203 -13.47 -27.05 -9.96
CA ARG J 203 -12.30 -26.24 -10.31
C ARG J 203 -11.13 -26.78 -9.48
N THR J 204 -11.31 -26.77 -8.15
CA THR J 204 -10.33 -27.23 -7.17
C THR J 204 -10.69 -28.65 -6.65
O1 TLA M . 44.87 44.76 -21.14
O11 TLA M . 42.87 43.77 -21.04
C1 TLA M . 43.99 43.86 -21.51
C2 TLA M . 44.47 42.93 -22.63
O2 TLA M . 43.48 41.99 -22.97
C3 TLA M . 45.79 42.24 -22.24
O3 TLA M . 45.65 41.56 -21.00
C4 TLA M . 46.30 41.32 -23.34
O4 TLA M . 46.48 41.90 -24.51
O41 TLA M . 46.54 40.14 -23.13
O1 TLA N . 41.17 44.27 -24.34
O11 TLA N . 39.88 44.72 -22.56
C1 TLA N . 40.02 44.38 -23.73
C2 TLA N . 38.83 44.04 -24.62
O2 TLA N . 37.60 44.18 -23.90
C3 TLA N . 38.96 42.62 -25.19
O3 TLA N . 38.88 41.66 -24.13
C4 TLA N . 37.90 42.36 -26.27
O4 TLA N . 37.93 43.22 -27.26
O41 TLA N . 37.13 41.42 -26.20
O1 TLA O . 23.58 42.42 10.27
O11 TLA O . 22.42 41.24 11.78
C1 TLA O . 22.46 41.93 10.77
C2 TLA O . 21.20 42.36 10.03
O2 TLA O . 20.04 41.80 10.63
C3 TLA O . 21.26 42.03 8.53
O3 TLA O . 21.06 40.63 8.32
C4 TLA O . 20.24 42.83 7.74
O4 TLA O . 19.39 42.30 7.03
O41 TLA O . 20.36 44.14 7.85
OH2 1PE P . 24.55 -5.05 7.53
C12 1PE P . 25.56 -4.24 6.92
C22 1PE P . 25.14 -2.77 6.97
OH3 1PE P . 23.76 -2.64 6.56
C13 1PE P . 22.00 -1.01 6.23
C23 1PE P . 23.44 -1.24 6.64
OH4 1PE P . 21.10 -1.54 7.22
C14 1PE P . 18.71 -1.78 7.75
C24 1PE P . 19.76 -1.26 6.75
OH5 1PE P . 19.24 -2.84 8.56
C15 1PE P . 18.74 -4.42 10.32
C25 1PE P . 18.22 -3.28 9.45
O1 TLA Q . 28.43 27.82 31.92
O11 TLA Q . 28.50 27.26 34.11
C1 TLA Q . 28.02 27.91 33.19
C2 TLA Q . 26.88 28.91 33.42
O2 TLA Q . 26.51 29.00 34.79
C3 TLA Q . 25.66 28.58 32.54
O3 TLA Q . 25.11 27.31 32.87
C4 TLA Q . 24.59 29.67 32.63
O4 TLA Q . 25.04 30.86 32.33
O41 TLA Q . 23.43 29.45 32.93
C12 1PE R . 42.76 15.12 -5.26
C22 1PE R . 43.21 14.77 -3.83
OH3 1PE R . 42.32 13.80 -3.24
C13 1PE R . 41.97 12.45 -1.20
C23 1PE R . 42.83 13.51 -1.92
OH4 1PE R . 40.76 12.24 -1.91
C14 1PE R . 38.68 11.04 -2.02
C24 1PE R . 39.98 11.26 -1.21
OH5 1PE R . 39.00 10.44 -3.30
C15 1PE R . 38.09 9.69 -5.42
C25 1PE R . 37.78 10.32 -4.05
OH6 1PE R . 38.55 10.63 -6.43
C16 1PE R . 39.11 12.96 -6.99
C26 1PE R . 38.59 11.97 -5.92
OH7 1PE R . 38.39 12.79 -8.22
O1 TLA S . -18.46 -24.97 -33.23
O11 TLA S . -18.46 -25.76 -31.13
C1 TLA S . -18.61 -25.90 -32.43
C2 TLA S . -19.03 -27.30 -32.86
O2 TLA S . -19.11 -27.41 -34.28
C3 TLA S . -20.33 -27.74 -32.17
O3 TLA S . -21.32 -26.72 -32.15
C4 TLA S . -20.89 -29.07 -32.70
O4 TLA S . -19.99 -30.04 -32.76
O41 TLA S . -22.07 -29.21 -33.01
OH2 1PE T . -23.16 -9.49 9.11
C12 1PE T . -22.46 -8.33 8.57
C22 1PE T . -23.35 -7.56 7.58
OH3 1PE T . -22.70 -7.58 6.31
C13 1PE T . -22.80 -6.90 3.97
C23 1PE T . -23.49 -6.87 5.37
OH4 1PE T . -21.38 -6.94 4.14
C14 1PE T . -19.21 -7.01 3.08
C24 1PE T . -20.73 -6.97 2.86
OH5 1PE T . -18.94 -8.14 3.90
C15 1PE T . -17.26 -9.47 5.01
C25 1PE T . -17.53 -8.23 4.14
OH6 1PE T . -17.44 -9.18 6.41
C16 1PE T . -17.28 -10.11 8.66
C26 1PE T . -17.12 -10.36 7.16
OH2 1PE U . -42.98 0.55 -12.01
C12 1PE U . -43.55 -0.76 -12.15
C22 1PE U . -43.28 -1.60 -10.87
OH3 1PE U . -42.83 -2.92 -11.22
C13 1PE U . -42.76 -3.02 -8.69
C23 1PE U . -42.55 -3.73 -10.03
OH4 1PE U . -41.56 -2.36 -8.21
C14 1PE U . -39.22 -1.82 -8.71
C24 1PE U . -40.49 -2.55 -9.15
OH5 1PE U . -39.52 -0.47 -8.41
C15 1PE U . -38.52 1.71 -7.76
C25 1PE U . -38.28 0.21 -8.11
OH6 1PE U . -39.08 2.56 -8.81
C16 1PE U . -39.90 2.82 -11.11
C26 1PE U . -39.28 1.87 -10.06
#